data_4K3B
#
_entry.id   4K3B
#
_cell.length_a   59.525
_cell.length_b   270.206
_cell.length_c   190.618
_cell.angle_alpha   90.00
_cell.angle_beta   90.00
_cell.angle_gamma   90.00
#
_symmetry.space_group_name_H-M   'C 2 2 21'
#
_entity_poly.entity_id   1
_entity_poly.type   'polypeptide(L)'
_entity_poly.pdbx_seq_one_letter_code
;MKLKQIASALMMLGISPLAFADFTIQDIRVEGLQRTEPSTVFNYLPVKVGDTYNDTHGSAIIKSLYATGFFDDVRVETAD
GQLLLTVIERPTIGSLNITGAKMLQNDAIKKNLESFGLAQSQYFNQATLNQAVAGLKEEYLGRGKLNIQITPKVTKLARN
RVDIDITIDEGKSAKITDIEFEGNQVYSDRKLMRQMSLTEGGIWTWLTRSDRFDRQKFAQDMEKVTDFYQNNGYFDFRIL
DTDIQTNEDKTRQTIKITVHEGGRFRWGKVSIEGDTNEVPKAELEKLLTMKPGKWYERQQMTAVLGEIQNRMGSAGYAYS
EISVQPLPNAGTKTVDFVLHIEPGRKIYVNEIHITGNNKTRDEVVRRELRQMESAPYDTSKLQRSKERVELLGYFDNVQF
DAVPLAGTPDKVDLNMSLTERSTGSLDLSAGWVQDTGLVMSAGVSQDNLFGTGKSAALRASRSKTTLNGSLSFTDPYFTA
DGVSLGYDIYGKAFDPRKASTSVKQYKTTTAGGGVRMGIPVTEYDRVNFGLAAEHLTVNTYNKAPKRYADFIRKYGKTDG
ADGSFKGLLYKGTVGWGRNKTDSASWPTRGYLTGVNAEIALPGSKLQYYSATHNQTWFFPLSKTFTLMLGGEVGIAGGYG
RTKEIPFFENFYGGGLGSVRGYESGTLGPKVYDEYGEKISYGGNKKANVSAELLFPMPGAKDARTVRLSLFADAGSVWDG
RTYTAAENGNNKSVYSENAHKSTFTNELRYSAGGAVTWLSPLGPMKFSYAYPLKKKPEDEIQRFQFQLGTTF
;
_entity_poly.pdbx_strand_id   A
#
# COMPACT_ATOMS: atom_id res chain seq x y z
N ALA A 21 -13.01 70.59 34.05
CA ALA A 21 -14.23 71.14 33.46
C ALA A 21 -14.83 70.23 32.39
N ASP A 22 -15.78 70.77 31.64
CA ASP A 22 -16.48 69.97 30.67
C ASP A 22 -16.16 70.49 29.29
N PHE A 23 -16.95 70.13 28.30
CA PHE A 23 -16.52 70.32 26.93
C PHE A 23 -17.62 70.09 25.94
N THR A 24 -17.42 70.63 24.76
CA THR A 24 -18.24 70.33 23.62
C THR A 24 -17.22 70.37 22.54
N ILE A 25 -17.08 69.26 21.85
CA ILE A 25 -15.93 69.04 21.01
C ILE A 25 -16.12 69.62 19.64
N GLN A 26 -15.39 70.69 19.40
CA GLN A 26 -15.37 71.28 18.08
C GLN A 26 -14.09 70.90 17.39
N ASP A 27 -14.04 69.65 16.96
CA ASP A 27 -13.00 69.12 16.11
C ASP A 27 -11.90 68.33 16.79
N ILE A 28 -11.53 67.23 16.14
CA ILE A 28 -10.53 66.31 16.64
C ILE A 28 -9.34 66.20 15.73
N ARG A 29 -8.19 65.98 16.34
CA ARG A 29 -7.00 65.75 15.56
C ARG A 29 -6.23 64.63 16.18
N VAL A 30 -6.12 63.56 15.38
CA VAL A 30 -5.38 62.37 15.72
C VAL A 30 -3.98 62.57 15.26
N GLU A 31 -3.04 62.55 16.17
CA GLU A 31 -1.65 62.72 15.79
C GLU A 31 -0.85 61.60 16.39
N GLY A 32 -0.30 60.76 15.53
CA GLY A 32 0.44 59.61 15.97
C GLY A 32 0.55 58.59 14.85
N LEU A 33 -0.59 58.11 14.39
CA LEU A 33 -0.58 57.05 13.40
C LEU A 33 0.28 57.47 12.24
N GLN A 34 0.72 56.49 11.46
CA GLN A 34 1.66 56.71 10.37
C GLN A 34 2.34 55.38 10.09
N ARG A 35 1.71 54.53 9.29
CA ARG A 35 0.44 54.82 8.64
C ARG A 35 -0.55 53.74 9.01
N THR A 36 -1.83 54.02 8.80
CA THR A 36 -2.87 53.08 9.17
C THR A 36 -4.25 53.65 8.90
N GLU A 37 -4.30 54.77 8.22
CA GLU A 37 -5.58 55.40 7.91
C GLU A 37 -6.16 55.94 9.21
N PRO A 38 -6.86 57.15 9.12
CA PRO A 38 -7.41 57.59 10.41
C PRO A 38 -8.88 57.25 10.48
N SER A 39 -9.59 57.68 9.45
CA SER A 39 -11.02 57.43 9.27
C SER A 39 -11.34 56.03 9.71
N THR A 40 -10.36 55.18 9.52
CA THR A 40 -10.46 53.85 10.05
C THR A 40 -10.54 54.01 11.56
N VAL A 41 -10.44 55.25 12.01
CA VAL A 41 -10.68 55.57 13.41
C VAL A 41 -11.88 56.49 13.54
N PHE A 42 -11.65 57.72 13.14
CA PHE A 42 -12.76 58.67 13.15
C PHE A 42 -14.05 57.94 13.02
N ASN A 43 -13.95 56.64 12.74
CA ASN A 43 -15.14 55.81 12.85
C ASN A 43 -15.15 54.89 14.06
N TYR A 44 -13.98 54.71 14.67
CA TYR A 44 -13.90 53.90 15.89
C TYR A 44 -14.47 54.62 17.09
N LEU A 45 -14.37 55.94 17.08
CA LEU A 45 -14.58 56.77 18.27
C LEU A 45 -16.01 56.84 18.80
N PRO A 46 -16.17 56.76 20.14
CA PRO A 46 -17.43 56.99 20.86
C PRO A 46 -18.00 58.40 20.66
N VAL A 47 -17.14 59.36 20.30
CA VAL A 47 -17.57 60.74 20.01
C VAL A 47 -17.76 61.07 18.53
N LYS A 48 -18.00 62.35 18.26
CA LYS A 48 -18.05 62.87 16.90
C LYS A 48 -17.68 64.33 17.04
N VAL A 49 -17.85 65.11 15.99
CA VAL A 49 -17.60 66.54 16.14
C VAL A 49 -18.89 67.22 16.55
N GLY A 50 -18.89 67.76 17.76
CA GLY A 50 -20.09 68.39 18.30
C GLY A 50 -20.76 67.65 19.43
N ASP A 51 -20.35 66.41 19.72
CA ASP A 51 -20.83 65.71 20.91
C ASP A 51 -20.27 66.39 22.16
N THR A 52 -20.90 66.17 23.31
CA THR A 52 -20.35 66.72 24.55
C THR A 52 -19.41 65.70 25.19
N TYR A 53 -18.14 66.08 25.34
CA TYR A 53 -17.10 65.18 25.85
C TYR A 53 -16.86 65.53 27.32
N ASN A 54 -16.70 64.53 28.19
CA ASN A 54 -16.63 64.92 29.61
C ASN A 54 -15.40 64.55 30.44
N ASP A 55 -15.36 63.32 30.94
CA ASP A 55 -14.14 62.66 31.37
C ASP A 55 -14.17 61.23 30.85
N THR A 56 -15.19 60.51 31.31
CA THR A 56 -15.38 59.09 31.10
C THR A 56 -15.12 58.74 29.67
N HIS A 57 -15.59 59.59 28.76
CA HIS A 57 -15.25 59.46 27.36
C HIS A 57 -13.74 59.36 27.14
N GLY A 58 -12.95 60.08 27.96
CA GLY A 58 -11.52 60.15 27.79
C GLY A 58 -10.76 58.87 28.10
N SER A 59 -11.11 58.22 29.20
CA SER A 59 -10.48 56.94 29.48
C SER A 59 -11.14 55.85 28.66
N ALA A 60 -12.45 55.92 28.49
CA ALA A 60 -13.16 54.86 27.78
C ALA A 60 -12.71 54.79 26.33
N ILE A 61 -12.38 55.94 25.76
CA ILE A 61 -11.97 55.98 24.36
C ILE A 61 -10.58 55.39 24.18
N ILE A 62 -9.69 55.66 25.14
CA ILE A 62 -8.37 55.10 25.02
C ILE A 62 -8.44 53.61 25.28
N LYS A 63 -9.14 53.20 26.34
CA LYS A 63 -9.31 51.79 26.66
C LYS A 63 -10.00 51.08 25.49
N SER A 64 -10.74 51.84 24.71
CA SER A 64 -11.33 51.31 23.52
C SER A 64 -10.26 51.12 22.42
N LEU A 65 -9.40 52.11 22.23
CA LEU A 65 -8.38 52.04 21.18
C LEU A 65 -7.20 51.10 21.45
N TYR A 66 -6.93 50.86 22.74
CA TYR A 66 -5.88 49.95 23.18
C TYR A 66 -6.24 48.54 22.77
N ALA A 67 -7.52 48.18 22.91
CA ALA A 67 -7.96 46.94 22.31
C ALA A 67 -8.05 47.27 20.83
N THR A 68 -8.29 46.26 20.01
CA THR A 68 -7.97 46.27 18.56
C THR A 68 -6.45 46.29 18.28
N GLY A 69 -5.65 46.62 19.30
CA GLY A 69 -4.20 46.47 19.28
C GLY A 69 -3.37 46.99 18.11
N PHE A 70 -3.70 48.16 17.58
CA PHE A 70 -2.87 48.76 16.54
C PHE A 70 -1.88 49.68 17.20
N PHE A 71 -1.94 49.78 18.53
CA PHE A 71 -1.16 50.79 19.23
C PHE A 71 -0.50 50.27 20.51
N ASP A 72 0.73 50.71 20.76
CA ASP A 72 1.46 50.40 21.99
C ASP A 72 1.03 51.31 23.13
N ASP A 73 0.94 52.62 22.85
CA ASP A 73 0.48 53.59 23.86
C ASP A 73 -0.38 54.70 23.24
N VAL A 74 -1.49 55.04 23.89
CA VAL A 74 -2.24 56.21 23.46
C VAL A 74 -2.16 57.26 24.57
N ARG A 75 -2.65 58.44 24.28
CA ARG A 75 -2.83 59.46 25.29
C ARG A 75 -3.93 60.39 24.79
N VAL A 76 -4.68 60.92 25.74
CA VAL A 76 -5.85 61.74 25.46
C VAL A 76 -5.61 63.16 25.95
N GLU A 77 -5.57 64.11 25.03
CA GLU A 77 -5.31 65.50 25.41
C GLU A 77 -6.42 66.47 25.02
N THR A 78 -7.05 67.07 26.03
CA THR A 78 -8.19 67.94 25.80
C THR A 78 -7.78 69.41 25.96
N ALA A 79 -7.77 70.16 24.86
CA ALA A 79 -7.32 71.57 24.92
C ALA A 79 -8.14 72.59 24.11
N ASP A 80 -8.75 73.56 24.81
CA ASP A 80 -9.44 74.71 24.20
C ASP A 80 -10.42 74.37 23.08
N GLY A 81 -11.25 73.37 23.32
CA GLY A 81 -12.28 72.95 22.37
C GLY A 81 -11.85 71.79 21.49
N GLN A 82 -10.54 71.62 21.39
CA GLN A 82 -9.91 70.62 20.54
C GLN A 82 -9.59 69.32 21.28
N LEU A 83 -9.75 68.20 20.57
CA LEU A 83 -9.47 66.86 21.11
C LEU A 83 -8.28 66.22 20.39
N LEU A 84 -7.19 66.06 21.12
CA LEU A 84 -5.96 65.58 20.50
C LEU A 84 -5.67 64.18 20.98
N LEU A 85 -5.66 63.23 20.06
CA LEU A 85 -5.27 61.87 20.37
C LEU A 85 -3.83 61.69 19.98
N THR A 86 -2.96 61.47 20.96
CA THR A 86 -1.57 61.26 20.61
C THR A 86 -1.28 59.78 20.76
N VAL A 87 -1.06 59.13 19.63
CA VAL A 87 -0.90 57.71 19.66
C VAL A 87 0.46 57.34 19.15
N ILE A 88 1.03 56.31 19.78
CA ILE A 88 2.36 55.83 19.44
C ILE A 88 2.34 54.68 18.41
N GLU A 89 1.15 54.15 18.14
CA GLU A 89 0.97 52.95 17.32
C GLU A 89 1.79 51.82 17.90
N ARG A 90 2.45 51.05 17.05
CA ARG A 90 3.03 49.75 17.40
C ARG A 90 3.77 49.19 16.20
N PRO A 91 4.93 48.56 16.42
CA PRO A 91 5.71 48.07 15.29
C PRO A 91 5.12 46.85 14.59
N THR A 92 5.83 46.43 13.55
CA THR A 92 5.50 45.25 12.76
C THR A 92 6.77 44.39 12.60
N ILE A 93 6.65 43.15 12.12
CA ILE A 93 7.81 42.27 12.06
C ILE A 93 8.43 41.92 10.69
N GLY A 94 9.65 42.44 10.47
CA GLY A 94 10.37 42.24 9.24
C GLY A 94 10.79 40.81 8.95
N SER A 95 11.40 40.15 9.93
CA SER A 95 11.72 38.73 9.80
C SER A 95 11.79 38.09 11.15
N LEU A 96 11.59 36.77 11.18
CA LEU A 96 11.87 36.02 12.39
C LEU A 96 12.81 34.83 12.12
N ASN A 97 13.81 34.67 12.98
CA ASN A 97 14.76 33.58 12.85
C ASN A 97 14.73 32.72 14.10
N ILE A 98 14.41 31.45 13.97
CA ILE A 98 14.60 30.54 15.08
C ILE A 98 15.83 29.70 14.81
N THR A 99 16.88 29.89 15.58
CA THR A 99 17.92 28.89 15.52
C THR A 99 18.37 28.40 16.90
N GLY A 100 17.98 27.21 17.34
CA GLY A 100 18.84 26.40 18.19
C GLY A 100 19.78 25.58 17.35
N ALA A 101 19.17 24.77 16.47
CA ALA A 101 17.96 23.98 16.83
C ALA A 101 18.16 22.53 16.35
N LYS A 102 18.22 21.59 17.28
CA LYS A 102 18.59 20.24 16.93
C LYS A 102 17.46 19.20 17.12
N MET A 103 17.12 18.83 18.36
CA MET A 103 16.14 17.75 18.58
C MET A 103 14.84 17.87 17.76
N LEU A 104 14.33 19.08 17.59
CA LEU A 104 13.35 19.31 16.53
C LEU A 104 13.85 20.39 15.60
N GLN A 105 13.26 20.45 14.40
CA GLN A 105 13.78 21.32 13.36
C GLN A 105 13.20 22.74 13.43
N ASN A 106 14.05 23.70 13.10
CA ASN A 106 13.73 25.12 13.13
C ASN A 106 12.41 25.47 12.47
N ASP A 107 12.34 25.32 11.16
CA ASP A 107 11.19 25.84 10.42
C ASP A 107 9.85 25.20 10.83
N ALA A 108 9.91 24.10 11.57
CA ALA A 108 8.70 23.52 12.14
C ALA A 108 8.23 24.31 13.36
N ILE A 109 9.17 24.79 14.17
CA ILE A 109 8.82 25.60 15.32
C ILE A 109 8.52 27.04 14.90
N LYS A 110 9.08 27.47 13.78
CA LYS A 110 8.73 28.76 13.20
C LYS A 110 7.35 28.69 12.58
N LYS A 111 7.04 27.57 11.93
CA LYS A 111 5.70 27.34 11.41
C LYS A 111 4.67 27.30 12.56
N ASN A 112 4.96 26.51 13.59
CA ASN A 112 4.12 26.47 14.77
C ASN A 112 4.06 27.81 15.51
N LEU A 113 5.05 28.66 15.29
CA LEU A 113 5.06 30.01 15.86
C LEU A 113 4.19 31.01 15.13
N GLU A 114 4.25 31.02 13.80
CA GLU A 114 3.34 31.89 13.06
C GLU A 114 1.86 31.52 13.24
N SER A 115 1.60 30.34 13.80
CA SER A 115 0.25 29.93 14.15
C SER A 115 -0.36 30.91 15.15
N PHE A 116 0.44 31.38 16.11
CA PHE A 116 0.01 32.53 16.89
C PHE A 116 0.22 33.67 15.93
N GLY A 117 1.49 33.96 15.71
CA GLY A 117 1.99 34.82 14.66
C GLY A 117 2.08 36.23 15.18
N LEU A 118 3.10 37.01 14.77
CA LEU A 118 4.37 36.57 14.15
C LEU A 118 4.47 35.84 12.78
N ALA A 119 4.20 36.57 11.70
CA ALA A 119 4.43 36.13 10.31
C ALA A 119 4.87 37.41 9.65
N GLN A 120 4.91 37.53 8.32
CA GLN A 120 5.44 38.82 7.84
C GLN A 120 4.57 39.99 8.31
N SER A 121 5.23 40.80 9.13
CA SER A 121 4.89 42.12 9.68
C SER A 121 3.73 42.17 10.67
N GLN A 122 2.73 41.33 10.50
CA GLN A 122 1.93 40.70 11.55
C GLN A 122 1.63 41.44 12.84
N TYR A 123 1.66 42.76 12.85
CA TYR A 123 1.37 43.46 14.11
C TYR A 123 1.99 42.93 15.43
N PHE A 124 3.27 43.20 15.66
CA PHE A 124 3.98 42.50 16.73
C PHE A 124 3.47 42.93 18.11
N ASN A 125 3.94 42.27 19.16
CA ASN A 125 3.46 42.47 20.52
C ASN A 125 4.31 41.52 21.36
N GLN A 126 4.49 41.80 22.65
CA GLN A 126 5.33 40.94 23.49
C GLN A 126 4.58 39.93 24.34
N ALA A 127 3.27 40.04 24.41
CA ALA A 127 2.53 39.12 25.26
C ALA A 127 2.50 37.84 24.49
N THR A 128 2.18 38.02 23.20
CA THR A 128 2.18 36.94 22.25
C THR A 128 3.52 36.23 22.25
N LEU A 129 4.59 37.00 22.16
CA LEU A 129 5.93 36.43 22.11
C LEU A 129 6.22 35.65 23.36
N ASN A 130 6.11 36.31 24.51
CA ASN A 130 6.36 35.67 25.79
C ASN A 130 5.62 34.35 25.92
N GLN A 131 4.40 34.29 25.41
CA GLN A 131 3.70 33.00 25.45
C GLN A 131 4.01 31.98 24.33
N ALA A 132 4.51 32.45 23.20
CA ALA A 132 4.96 31.55 22.15
C ALA A 132 6.18 30.81 22.68
N VAL A 133 7.10 31.58 23.21
CA VAL A 133 8.27 31.02 23.84
C VAL A 133 7.89 30.16 25.03
N ALA A 134 6.95 30.61 25.86
CA ALA A 134 6.50 29.76 26.97
C ALA A 134 6.02 28.40 26.44
N GLY A 135 5.33 28.45 25.29
CA GLY A 135 4.92 27.25 24.59
C GLY A 135 6.08 26.34 24.21
N LEU A 136 7.06 26.89 23.50
CA LEU A 136 8.28 26.15 23.16
C LEU A 136 8.84 25.46 24.38
N LYS A 137 9.17 26.24 25.39
CA LYS A 137 9.69 25.70 26.63
C LYS A 137 8.85 24.54 27.17
N GLU A 138 7.55 24.56 26.99
CA GLU A 138 6.84 23.38 27.46
C GLU A 138 6.89 22.26 26.47
N GLU A 139 7.26 22.54 25.24
CA GLU A 139 7.46 21.45 24.28
C GLU A 139 8.73 20.70 24.65
N TYR A 140 9.85 21.43 24.63
CA TYR A 140 11.10 20.87 25.11
C TYR A 140 11.06 20.23 26.49
N LEU A 141 10.30 20.79 27.42
CA LEU A 141 10.15 20.11 28.70
C LEU A 141 9.33 18.82 28.55
N GLY A 142 8.49 18.80 27.51
CA GLY A 142 7.65 17.66 27.18
C GLY A 142 8.45 16.49 26.66
N ARG A 143 9.39 16.78 25.78
CA ARG A 143 10.35 15.81 25.31
C ARG A 143 11.49 15.76 26.29
N GLY A 144 12.59 15.17 25.88
CA GLY A 144 13.73 15.02 26.75
C GLY A 144 14.28 16.25 27.47
N LYS A 145 14.63 17.28 26.70
CA LYS A 145 15.43 18.42 27.17
C LYS A 145 14.89 19.05 28.45
N LEU A 146 15.57 18.83 29.56
CA LEU A 146 15.03 19.35 30.81
C LEU A 146 15.51 20.74 31.13
N ASN A 147 16.81 20.94 31.02
CA ASN A 147 17.36 22.26 30.99
C ASN A 147 17.05 22.62 29.58
N ILE A 148 17.02 23.92 29.32
CA ILE A 148 16.94 24.39 27.96
C ILE A 148 16.99 25.89 28.12
N GLN A 149 17.41 26.60 27.09
CA GLN A 149 17.41 28.03 27.13
C GLN A 149 16.90 28.51 25.81
N ILE A 150 15.76 29.17 25.82
CA ILE A 150 15.21 29.73 24.63
C ILE A 150 15.21 31.24 24.82
N THR A 151 16.09 31.93 24.09
CA THR A 151 16.32 33.35 24.31
C THR A 151 15.87 34.17 23.13
N PRO A 152 14.75 34.87 23.28
CA PRO A 152 14.33 35.85 22.26
C PRO A 152 15.19 37.10 22.34
N LYS A 153 15.54 37.62 21.18
CA LYS A 153 16.18 38.92 21.13
C LYS A 153 15.47 39.69 20.04
N VAL A 154 14.80 40.75 20.44
CA VAL A 154 13.96 41.48 19.51
C VAL A 154 14.57 42.84 19.25
N THR A 155 14.92 43.11 18.01
CA THR A 155 15.63 44.34 17.70
C THR A 155 14.77 45.22 16.78
N LYS A 156 14.49 46.45 17.21
CA LYS A 156 13.70 47.36 16.38
C LYS A 156 14.65 47.78 15.28
N LEU A 157 14.29 47.54 14.04
CA LEU A 157 15.29 47.77 13.02
C LEU A 157 14.97 49.09 12.35
N ALA A 158 14.01 49.07 11.44
CA ALA A 158 13.57 50.26 10.72
C ALA A 158 12.60 49.70 9.72
N ARG A 159 11.72 50.53 9.18
CA ARG A 159 11.51 51.90 9.63
C ARG A 159 10.51 51.87 10.79
N ASN A 160 9.30 51.41 10.52
CA ASN A 160 8.29 51.21 11.54
C ASN A 160 8.32 49.83 12.22
N ARG A 161 9.13 48.90 11.66
CA ARG A 161 9.06 47.49 12.05
C ARG A 161 10.18 46.91 12.92
N VAL A 162 10.07 45.61 13.21
CA VAL A 162 10.96 44.96 14.16
C VAL A 162 11.35 43.52 13.73
N ASP A 163 12.53 43.05 14.14
CA ASP A 163 12.99 41.70 13.76
C ASP A 163 13.30 40.82 14.97
N ILE A 164 12.65 39.65 15.02
CA ILE A 164 12.77 38.74 16.15
C ILE A 164 13.71 37.60 15.87
N ASP A 165 14.76 37.48 16.67
CA ASP A 165 15.58 36.30 16.56
C ASP A 165 15.50 35.47 17.83
N ILE A 166 14.83 34.34 17.73
CA ILE A 166 14.78 33.36 18.79
C ILE A 166 15.99 32.46 18.62
N THR A 167 16.75 32.28 19.69
CA THR A 167 17.96 31.48 19.69
C THR A 167 17.87 30.41 20.79
N ILE A 168 18.04 29.15 20.41
CA ILE A 168 17.83 28.05 21.34
C ILE A 168 19.13 27.34 21.68
N ASP A 169 19.21 26.85 22.91
CA ASP A 169 20.25 25.92 23.32
C ASP A 169 19.55 24.79 24.05
N GLU A 170 19.61 23.61 23.46
CA GLU A 170 18.80 22.48 23.91
C GLU A 170 19.59 21.66 24.91
N GLY A 171 18.88 21.09 25.86
CA GLY A 171 19.42 20.79 27.19
C GLY A 171 20.16 19.49 27.39
N LYS A 172 20.76 18.94 26.33
CA LYS A 172 21.11 17.52 26.30
C LYS A 172 19.77 16.81 26.33
N SER A 173 19.57 15.96 27.34
CA SER A 173 18.28 15.32 27.55
C SER A 173 18.34 14.54 28.83
N ALA A 174 17.17 14.25 29.35
CA ALA A 174 17.06 13.68 30.67
C ALA A 174 16.84 12.23 30.42
N LYS A 175 17.39 11.40 31.30
CA LYS A 175 17.41 9.97 31.07
C LYS A 175 16.98 9.29 32.36
N ILE A 176 16.09 8.32 32.28
CA ILE A 176 15.61 7.69 33.50
C ILE A 176 16.67 6.82 34.20
N THR A 177 16.87 7.04 35.49
CA THR A 177 17.75 6.17 36.25
C THR A 177 16.95 5.09 36.96
N ASP A 178 16.04 5.47 37.87
CA ASP A 178 15.18 4.47 38.52
C ASP A 178 13.70 4.59 38.11
N ILE A 179 13.00 3.47 38.15
CA ILE A 179 11.55 3.41 37.96
C ILE A 179 11.01 2.52 39.08
N GLU A 180 10.20 3.12 39.95
CA GLU A 180 9.79 2.48 41.19
C GLU A 180 8.29 2.31 41.26
N PHE A 181 7.83 1.13 41.67
CA PHE A 181 6.40 0.96 41.88
C PHE A 181 6.05 0.73 43.33
N GLU A 182 5.41 1.74 43.93
CA GLU A 182 5.05 1.74 45.35
C GLU A 182 3.62 1.27 45.56
N GLY A 183 3.53 0.12 46.20
CA GLY A 183 2.33 -0.66 46.38
C GLY A 183 2.26 -1.46 45.11
N ASN A 184 1.86 -2.71 45.19
CA ASN A 184 1.62 -3.51 44.00
C ASN A 184 0.29 -4.28 44.17
N GLN A 185 0.22 -5.20 45.14
CA GLN A 185 1.37 -5.91 45.74
C GLN A 185 1.42 -7.23 44.99
N VAL A 186 0.45 -7.35 44.09
CA VAL A 186 0.16 -8.52 43.30
C VAL A 186 1.24 -8.76 42.24
N TYR A 187 1.74 -7.67 41.68
CA TYR A 187 2.61 -7.76 40.51
C TYR A 187 4.05 -7.27 40.71
N SER A 188 4.94 -7.81 39.89
CA SER A 188 6.37 -7.55 39.98
C SER A 188 6.71 -6.21 39.40
N ASP A 189 7.51 -5.43 40.13
CA ASP A 189 7.96 -4.13 39.64
C ASP A 189 8.59 -4.36 38.26
N ARG A 190 9.25 -5.49 38.12
CA ARG A 190 9.92 -5.86 36.88
C ARG A 190 8.93 -6.16 35.76
N LYS A 191 7.88 -6.87 36.13
CA LYS A 191 6.80 -7.16 35.22
C LYS A 191 6.16 -5.89 34.68
N LEU A 192 5.63 -5.09 35.62
CA LEU A 192 4.94 -3.87 35.29
C LEU A 192 5.85 -3.07 34.41
N MET A 193 7.10 -2.93 34.85
CA MET A 193 8.12 -2.15 34.16
C MET A 193 8.27 -2.65 32.74
N ARG A 194 8.00 -3.94 32.55
CA ARG A 194 8.05 -4.52 31.21
C ARG A 194 6.78 -4.24 30.40
N GLN A 195 5.69 -3.89 31.08
CA GLN A 195 4.47 -3.54 30.34
C GLN A 195 4.52 -2.20 29.64
N MET A 196 5.34 -1.32 30.17
CA MET A 196 5.43 0.03 29.67
C MET A 196 6.68 0.09 28.84
N SER A 197 6.66 0.80 27.72
CA SER A 197 7.93 0.99 27.03
C SER A 197 8.52 2.37 27.27
N LEU A 198 9.49 2.39 28.18
CA LEU A 198 10.33 3.53 28.54
C LEU A 198 10.93 2.75 29.68
N THR A 199 12.11 3.11 30.19
CA THR A 199 12.77 2.22 31.17
C THR A 199 14.02 2.79 31.75
N GLU A 200 14.55 2.07 32.74
CA GLU A 200 15.74 2.49 33.50
C GLU A 200 16.95 2.37 32.61
N GLY A 201 18.13 2.60 33.18
CA GLY A 201 19.35 2.42 32.40
C GLY A 201 19.55 0.98 31.96
N GLY A 202 19.65 0.79 30.65
CA GLY A 202 19.86 -0.53 30.10
C GLY A 202 21.26 -0.79 29.58
N ILE A 203 21.58 -2.04 29.30
CA ILE A 203 22.92 -2.36 28.83
C ILE A 203 22.96 -2.01 27.33
N TRP A 204 21.78 -2.13 26.73
CA TRP A 204 21.60 -1.86 25.32
C TRP A 204 21.11 -0.47 24.94
N THR A 205 20.95 0.46 25.89
CA THR A 205 20.38 1.70 25.45
C THR A 205 21.46 2.76 25.26
N TRP A 206 21.86 2.89 24.00
CA TRP A 206 22.66 3.95 23.41
C TRP A 206 21.93 4.17 22.09
N LEU A 207 21.87 3.07 21.34
CA LEU A 207 20.81 2.76 20.37
C LEU A 207 19.60 2.51 21.26
N THR A 208 18.42 2.16 20.74
CA THR A 208 17.27 2.30 21.66
C THR A 208 17.17 3.78 22.13
N ARG A 209 17.59 4.10 23.34
CA ARG A 209 17.29 5.41 23.88
C ARG A 209 16.05 5.36 24.78
N SER A 210 15.74 4.16 25.23
CA SER A 210 14.57 3.85 26.02
C SER A 210 14.40 4.68 27.32
N ASP A 211 15.40 5.46 27.67
CA ASP A 211 15.21 6.29 28.84
C ASP A 211 15.35 7.72 28.45
N ARG A 212 15.22 8.00 27.17
CA ARG A 212 15.02 9.35 26.74
C ARG A 212 13.65 9.68 27.28
N PHE A 213 13.59 10.33 28.44
CA PHE A 213 12.33 10.55 29.08
C PHE A 213 11.44 11.27 28.13
N ASP A 214 10.15 11.00 28.26
CA ASP A 214 9.16 11.62 27.43
C ASP A 214 7.83 11.64 28.08
N ARG A 215 7.18 12.76 27.96
CA ARG A 215 5.85 12.95 28.52
C ARG A 215 4.78 12.02 27.94
N GLN A 216 4.42 12.23 26.67
CA GLN A 216 3.41 11.41 26.00
C GLN A 216 3.74 9.93 26.13
N LYS A 217 4.98 9.59 25.83
CA LYS A 217 5.47 8.23 26.01
C LYS A 217 5.14 7.73 27.42
N PHE A 218 5.25 8.58 28.43
CA PHE A 218 5.02 8.12 29.79
C PHE A 218 3.54 7.99 30.06
N ALA A 219 2.78 8.76 29.30
CA ALA A 219 1.33 8.67 29.35
C ALA A 219 0.91 7.30 28.84
N GLN A 220 1.37 6.95 27.64
CA GLN A 220 1.10 5.65 27.07
C GLN A 220 1.53 4.56 28.04
N ASP A 221 2.75 4.69 28.56
CA ASP A 221 3.25 3.71 29.51
C ASP A 221 2.29 3.49 30.67
N MET A 222 1.73 4.57 31.22
CA MET A 222 0.75 4.35 32.28
C MET A 222 -0.49 3.67 31.74
N GLU A 223 -0.86 4.00 30.50
CA GLU A 223 -1.97 3.30 29.85
C GLU A 223 -1.75 1.77 29.80
N LYS A 224 -0.61 1.33 29.28
CA LYS A 224 -0.29 -0.10 29.21
C LYS A 224 -0.28 -0.72 30.59
N VAL A 225 0.42 -0.08 31.53
CA VAL A 225 0.47 -0.58 32.90
C VAL A 225 -0.93 -0.71 33.44
N THR A 226 -1.86 0.02 32.84
CA THR A 226 -3.29 -0.16 33.11
C THR A 226 -3.99 -1.34 32.40
N ASP A 227 -3.97 -1.36 31.07
CA ASP A 227 -4.59 -2.46 30.32
C ASP A 227 -4.15 -3.77 30.92
N PHE A 228 -2.85 -3.98 30.97
CA PHE A 228 -2.40 -5.10 31.76
C PHE A 228 -2.72 -4.59 33.15
N TYR A 229 -3.20 -5.44 34.05
CA TYR A 229 -3.92 -5.14 35.30
C TYR A 229 -5.40 -5.00 35.10
N GLN A 230 -5.81 -4.79 33.86
CA GLN A 230 -7.25 -4.80 33.56
C GLN A 230 -7.60 -6.10 32.87
N ASN A 231 -6.95 -6.35 31.73
CA ASN A 231 -6.98 -7.63 31.06
C ASN A 231 -6.55 -8.73 32.02
N ASN A 232 -5.93 -8.35 33.11
CA ASN A 232 -5.62 -9.34 34.12
C ASN A 232 -6.64 -9.51 35.23
N GLY A 233 -7.75 -8.79 35.12
CA GLY A 233 -8.85 -9.03 36.02
C GLY A 233 -9.09 -7.97 37.07
N TYR A 234 -8.15 -7.05 37.24
CA TYR A 234 -8.33 -6.14 38.36
C TYR A 234 -9.06 -4.88 37.93
N PHE A 235 -10.30 -4.81 38.41
CA PHE A 235 -11.14 -3.66 38.27
C PHE A 235 -10.57 -2.73 39.30
N ASP A 236 -11.19 -1.58 39.51
CA ASP A 236 -10.58 -0.56 40.34
C ASP A 236 -9.21 -0.33 39.74
N PHE A 237 -8.15 -0.61 40.48
CA PHE A 237 -6.81 -0.27 39.98
C PHE A 237 -6.73 1.14 39.39
N ARG A 238 -6.77 2.12 40.28
CA ARG A 238 -6.45 3.47 39.91
C ARG A 238 -4.93 3.69 40.04
N ILE A 239 -4.33 4.47 39.15
CA ILE A 239 -3.02 5.03 39.43
C ILE A 239 -3.21 6.33 40.19
N LEU A 240 -2.63 6.41 41.38
CA LEU A 240 -2.87 7.51 42.31
C LEU A 240 -1.87 8.64 42.13
N ASP A 241 -0.61 8.38 42.41
CA ASP A 241 0.41 9.40 42.21
C ASP A 241 1.50 8.99 41.19
N THR A 242 2.02 10.00 40.51
CA THR A 242 3.17 9.87 39.64
C THR A 242 4.20 10.92 40.04
N ASP A 243 5.29 10.47 40.62
CA ASP A 243 6.26 11.38 41.20
C ASP A 243 7.54 11.31 40.39
N ILE A 244 7.81 12.39 39.67
CA ILE A 244 9.00 12.44 38.86
C ILE A 244 10.02 13.40 39.48
N GLN A 245 11.07 12.82 40.03
CA GLN A 245 12.09 13.60 40.67
C GLN A 245 13.14 13.88 39.63
N THR A 246 14.15 14.64 40.02
CA THR A 246 15.20 15.01 39.10
C THR A 246 16.40 15.45 39.95
N ASN A 247 17.46 15.94 39.32
CA ASN A 247 18.55 16.50 40.11
C ASN A 247 19.17 17.69 39.40
N GLU A 248 20.15 18.30 40.04
CA GLU A 248 20.88 19.40 39.42
C GLU A 248 21.43 18.94 38.08
N ASP A 249 21.40 19.86 37.11
CA ASP A 249 21.65 19.60 35.68
C ASP A 249 20.43 19.01 34.99
N LYS A 250 19.42 18.63 35.78
CA LYS A 250 18.18 18.05 35.29
C LYS A 250 18.45 16.98 34.24
N THR A 251 19.12 15.91 34.67
CA THR A 251 19.69 14.92 33.78
C THR A 251 19.20 13.55 34.17
N ARG A 252 19.56 13.17 35.39
CA ARG A 252 19.04 11.96 36.02
C ARG A 252 17.65 12.26 36.56
N GLN A 253 16.75 11.28 36.42
CA GLN A 253 15.33 11.44 36.73
C GLN A 253 14.84 10.25 37.47
N THR A 254 14.35 10.36 38.69
CA THR A 254 13.75 9.16 39.26
C THR A 254 12.36 9.10 38.63
N ILE A 255 11.60 8.00 38.81
CA ILE A 255 10.15 7.98 38.57
C ILE A 255 9.46 7.10 39.61
N LYS A 256 8.47 7.62 40.33
CA LYS A 256 7.81 6.79 41.34
C LYS A 256 6.32 6.71 41.08
N ILE A 257 5.81 5.49 41.06
CA ILE A 257 4.43 5.27 40.63
C ILE A 257 3.65 4.52 41.70
N THR A 258 2.62 5.16 42.24
CA THR A 258 1.86 4.60 43.34
C THR A 258 0.53 4.08 42.80
N VAL A 259 0.09 2.94 43.29
CA VAL A 259 -0.98 2.20 42.64
C VAL A 259 -1.88 1.43 43.61
N HIS A 260 -3.19 1.41 43.35
CA HIS A 260 -4.08 0.59 44.16
C HIS A 260 -4.57 -0.65 43.41
N GLU A 261 -4.09 -1.82 43.78
CA GLU A 261 -4.49 -3.05 43.10
C GLU A 261 -5.97 -3.33 43.34
N GLY A 262 -6.59 -4.03 42.38
CA GLY A 262 -8.04 -4.18 42.37
C GLY A 262 -8.57 -5.32 43.22
N GLY A 263 -9.69 -5.88 42.77
CA GLY A 263 -10.45 -6.87 43.51
C GLY A 263 -9.78 -8.16 43.94
N ARG A 264 -9.22 -8.95 43.03
CA ARG A 264 -9.31 -8.87 41.58
C ARG A 264 -10.73 -8.96 40.99
N PHE A 265 -11.29 -10.15 41.13
CA PHE A 265 -12.58 -10.65 40.63
C PHE A 265 -12.86 -10.41 39.13
N ARG A 266 -14.12 -10.29 38.71
CA ARG A 266 -15.03 -11.47 38.58
C ARG A 266 -16.08 -11.18 37.51
N TRP A 267 -16.42 -12.18 36.72
CA TRP A 267 -17.42 -11.99 35.68
C TRP A 267 -18.81 -12.16 36.29
N GLY A 268 -19.69 -11.21 35.97
CA GLY A 268 -21.13 -11.38 36.10
C GLY A 268 -21.61 -11.72 34.70
N LYS A 269 -22.79 -11.25 34.33
CA LYS A 269 -23.13 -11.03 32.92
C LYS A 269 -23.94 -9.72 33.04
N VAL A 270 -24.54 -9.08 32.03
CA VAL A 270 -24.93 -9.56 30.71
C VAL A 270 -25.28 -8.40 29.76
N SER A 271 -25.89 -8.80 28.65
CA SER A 271 -26.29 -7.99 27.50
C SER A 271 -27.52 -7.13 27.74
N ILE A 272 -28.12 -6.69 26.62
CA ILE A 272 -29.07 -5.58 26.44
C ILE A 272 -28.35 -4.29 26.89
N GLU A 273 -28.93 -3.21 27.49
CA GLU A 273 -30.35 -2.78 27.56
C GLU A 273 -31.18 -2.79 26.26
N GLY A 274 -30.87 -1.90 25.32
CA GLY A 274 -31.77 -1.64 24.19
C GLY A 274 -31.60 -2.61 23.02
N ASP A 275 -31.83 -2.19 21.77
CA ASP A 275 -32.55 -0.98 21.39
C ASP A 275 -33.12 -1.25 20.01
N THR A 276 -34.31 -0.70 19.75
CA THR A 276 -35.04 -0.94 18.51
C THR A 276 -34.25 -0.47 17.28
N ASN A 277 -34.11 -1.38 16.33
CA ASN A 277 -33.15 -1.21 15.26
C ASN A 277 -33.29 -2.38 14.32
N GLU A 278 -32.79 -2.21 13.10
CA GLU A 278 -32.90 -3.22 12.06
C GLU A 278 -32.14 -4.52 12.44
N VAL A 279 -31.41 -4.49 13.55
CA VAL A 279 -30.74 -5.67 14.09
C VAL A 279 -31.28 -5.98 15.48
N PRO A 280 -31.37 -7.29 15.82
CA PRO A 280 -31.99 -7.76 17.05
C PRO A 280 -31.11 -7.97 18.29
N LYS A 281 -31.78 -8.30 19.40
CA LYS A 281 -31.18 -8.75 20.65
C LYS A 281 -30.71 -10.20 20.50
N ALA A 282 -30.96 -10.77 19.32
CA ALA A 282 -30.33 -12.00 18.86
C ALA A 282 -28.79 -12.00 18.99
N GLU A 283 -28.19 -10.85 18.69
CA GLU A 283 -26.73 -10.64 18.74
C GLU A 283 -26.13 -11.16 20.02
N LEU A 284 -26.82 -10.88 21.12
CA LEU A 284 -26.36 -11.19 22.46
C LEU A 284 -26.05 -12.66 22.67
N GLU A 285 -26.50 -13.52 21.75
CA GLU A 285 -26.18 -14.92 21.87
C GLU A 285 -24.73 -15.11 21.48
N LYS A 286 -24.44 -14.91 20.20
CA LYS A 286 -23.09 -15.12 19.71
C LYS A 286 -22.11 -14.02 20.19
N LEU A 287 -22.46 -12.77 19.94
CA LEU A 287 -21.52 -11.65 20.11
C LEU A 287 -21.15 -11.38 21.57
N LEU A 288 -21.90 -11.94 22.50
CA LEU A 288 -21.68 -11.68 23.93
C LEU A 288 -20.68 -12.64 24.55
N THR A 289 -20.05 -13.48 23.73
CA THR A 289 -19.31 -14.62 24.25
C THR A 289 -18.24 -14.26 25.27
N MET A 290 -18.41 -14.87 26.44
CA MET A 290 -17.53 -14.81 27.59
C MET A 290 -18.36 -15.67 28.51
N LYS A 291 -17.75 -16.24 29.54
CA LYS A 291 -18.53 -17.03 30.49
C LYS A 291 -18.27 -16.43 31.84
N PRO A 292 -19.26 -16.45 32.74
CA PRO A 292 -19.02 -15.98 34.11
C PRO A 292 -17.98 -16.87 34.79
N GLY A 293 -16.81 -16.77 34.16
CA GLY A 293 -15.63 -17.61 34.28
C GLY A 293 -14.68 -17.09 35.31
N LYS A 294 -15.22 -16.39 36.32
CA LYS A 294 -14.43 -15.55 37.21
C LYS A 294 -13.79 -14.39 36.42
N TRP A 295 -12.45 -14.33 36.36
CA TRP A 295 -11.72 -13.10 36.00
C TRP A 295 -12.13 -12.34 34.74
N TYR A 296 -12.36 -11.06 34.93
CA TYR A 296 -12.83 -10.16 33.88
C TYR A 296 -11.64 -9.60 33.13
N GLU A 297 -11.66 -9.76 31.82
CA GLU A 297 -10.61 -9.22 30.98
C GLU A 297 -11.13 -8.08 30.11
N ARG A 298 -10.73 -6.85 30.42
CA ARG A 298 -11.23 -5.70 29.66
C ARG A 298 -10.97 -5.79 28.15
N GLN A 299 -9.89 -6.48 27.80
CA GLN A 299 -9.59 -6.83 26.40
C GLN A 299 -10.81 -7.41 25.70
N GLN A 300 -11.27 -8.56 26.21
CA GLN A 300 -12.43 -9.28 25.71
C GLN A 300 -13.60 -8.33 25.55
N MET A 301 -13.79 -7.49 26.55
CA MET A 301 -14.85 -6.49 26.54
C MET A 301 -14.79 -5.57 25.33
N THR A 302 -13.72 -4.81 25.21
CA THR A 302 -13.62 -3.89 24.09
C THR A 302 -13.66 -4.60 22.72
N ALA A 303 -13.19 -5.84 22.68
CA ALA A 303 -13.29 -6.65 21.47
C ALA A 303 -14.75 -6.92 21.12
N VAL A 304 -15.52 -7.32 22.12
CA VAL A 304 -16.96 -7.57 21.96
C VAL A 304 -17.74 -6.31 21.55
N LEU A 305 -17.49 -5.19 22.21
CA LEU A 305 -18.10 -3.94 21.80
C LEU A 305 -17.73 -3.62 20.37
N GLY A 306 -16.51 -4.00 20.01
CA GLY A 306 -16.10 -3.85 18.63
C GLY A 306 -17.03 -4.62 17.73
N GLU A 307 -17.21 -5.90 18.06
CA GLU A 307 -18.06 -6.81 17.29
C GLU A 307 -19.47 -6.28 17.12
N ILE A 308 -20.04 -5.79 18.22
CA ILE A 308 -21.33 -5.10 18.24
C ILE A 308 -21.36 -3.91 17.30
N GLN A 309 -20.49 -2.93 17.54
CA GLN A 309 -20.39 -1.73 16.71
C GLN A 309 -20.30 -2.03 15.23
N ASN A 310 -19.67 -3.17 14.91
CA ASN A 310 -19.55 -3.68 13.54
C ASN A 310 -20.82 -4.31 12.97
N ARG A 311 -21.46 -5.16 13.77
CA ARG A 311 -22.74 -5.70 13.38
C ARG A 311 -23.81 -4.59 13.37
N MET A 312 -23.72 -3.63 14.30
CA MET A 312 -24.52 -2.42 14.15
C MET A 312 -23.80 -1.75 13.03
N GLY A 313 -24.31 -0.68 12.50
CA GLY A 313 -23.48 0.03 11.56
C GLY A 313 -23.14 -0.77 10.32
N SER A 314 -23.53 -2.04 10.27
CA SER A 314 -24.17 -2.38 9.06
C SER A 314 -25.57 -2.79 9.41
N ALA A 315 -26.43 -1.78 9.47
CA ALA A 315 -27.24 -1.28 8.43
C ALA A 315 -27.00 0.14 8.94
N GLY A 316 -26.29 0.99 8.21
CA GLY A 316 -26.42 2.41 8.39
C GLY A 316 -25.99 3.06 9.69
N TYR A 317 -25.66 2.33 10.75
CA TYR A 317 -25.50 3.06 12.01
C TYR A 317 -24.05 3.24 12.33
N ALA A 318 -23.54 4.43 12.07
CA ALA A 318 -22.09 4.62 12.15
C ALA A 318 -21.68 4.90 13.60
N TYR A 319 -22.25 5.98 14.13
CA TYR A 319 -22.32 6.38 15.53
C TYR A 319 -23.47 5.48 15.95
N SER A 320 -24.15 5.65 17.08
CA SER A 320 -24.38 4.56 18.06
C SER A 320 -23.29 4.27 19.03
N GLU A 321 -22.90 5.33 19.73
CA GLU A 321 -22.21 5.14 20.99
C GLU A 321 -22.97 4.10 21.86
N ILE A 322 -22.22 3.22 22.51
CA ILE A 322 -22.72 2.31 23.54
C ILE A 322 -22.08 2.73 24.85
N SER A 323 -22.84 2.69 25.94
CA SER A 323 -22.28 3.05 27.23
C SER A 323 -22.35 1.87 28.17
N VAL A 324 -21.21 1.31 28.54
CA VAL A 324 -21.20 0.27 29.55
C VAL A 324 -21.43 0.93 30.89
N GLN A 325 -22.34 0.39 31.69
CA GLN A 325 -22.31 0.78 33.08
C GLN A 325 -22.16 -0.47 33.93
N PRO A 326 -21.26 -0.40 34.92
CA PRO A 326 -20.86 -1.46 35.85
C PRO A 326 -21.86 -1.70 36.94
N LEU A 327 -22.07 -2.96 37.31
CA LEU A 327 -22.64 -3.26 38.62
C LEU A 327 -21.69 -4.10 39.47
N PRO A 328 -21.15 -3.49 40.52
CA PRO A 328 -20.28 -3.98 41.60
C PRO A 328 -21.04 -4.84 42.63
N ASN A 329 -21.13 -6.14 42.37
CA ASN A 329 -21.83 -7.09 43.24
C ASN A 329 -20.92 -7.32 44.44
N ALA A 330 -19.80 -6.59 44.44
CA ALA A 330 -18.73 -6.66 45.41
C ALA A 330 -19.22 -6.63 46.85
N GLY A 331 -18.59 -7.45 47.68
CA GLY A 331 -19.18 -7.93 48.92
C GLY A 331 -19.51 -9.38 48.60
N THR A 332 -19.57 -9.66 47.30
CA THR A 332 -19.58 -11.03 46.77
C THR A 332 -18.20 -11.73 46.67
N LYS A 333 -17.13 -11.07 46.19
CA LYS A 333 -17.13 -9.72 45.61
C LYS A 333 -16.96 -9.79 44.10
N THR A 334 -18.03 -9.46 43.37
CA THR A 334 -18.07 -9.66 41.93
C THR A 334 -18.47 -8.36 41.24
N VAL A 335 -18.49 -8.37 39.91
CA VAL A 335 -19.00 -7.24 39.16
C VAL A 335 -19.62 -7.73 37.85
N ASP A 336 -20.72 -7.11 37.49
CA ASP A 336 -21.43 -7.43 36.26
C ASP A 336 -21.92 -6.13 35.66
N PHE A 337 -22.04 -6.03 34.35
CA PHE A 337 -22.54 -4.77 33.80
C PHE A 337 -23.69 -4.93 32.84
N VAL A 338 -24.18 -3.79 32.39
CA VAL A 338 -25.15 -3.78 31.32
C VAL A 338 -24.70 -2.72 30.35
N LEU A 339 -24.83 -3.03 29.07
CA LEU A 339 -24.39 -2.13 28.03
C LEU A 339 -25.60 -1.38 27.51
N HIS A 340 -25.63 -0.07 27.60
CA HIS A 340 -26.79 0.61 27.08
C HIS A 340 -26.50 1.02 25.64
N ILE A 341 -27.16 0.33 24.70
CA ILE A 341 -26.90 0.55 23.29
C ILE A 341 -27.74 1.70 22.84
N GLU A 342 -27.11 2.76 22.37
CA GLU A 342 -27.88 3.93 21.97
C GLU A 342 -27.54 4.37 20.53
N PRO A 343 -28.00 3.58 19.53
CA PRO A 343 -27.75 3.87 18.12
C PRO A 343 -28.39 5.18 17.71
N GLY A 344 -28.22 5.58 16.46
CA GLY A 344 -28.96 6.73 16.03
C GLY A 344 -28.96 6.95 14.55
N ARG A 345 -30.02 7.60 14.09
CA ARG A 345 -30.20 7.95 12.70
C ARG A 345 -29.92 6.73 11.80
N LYS A 346 -29.23 6.98 10.70
CA LYS A 346 -28.65 5.96 9.85
C LYS A 346 -27.79 6.83 8.97
N ILE A 347 -27.07 6.26 8.02
CA ILE A 347 -26.30 7.12 7.13
C ILE A 347 -26.18 6.57 5.74
N TYR A 348 -26.15 7.49 4.77
CA TYR A 348 -25.98 7.12 3.39
C TYR A 348 -24.67 7.77 2.95
N VAL A 349 -24.02 7.22 1.94
CA VAL A 349 -22.63 7.56 1.71
C VAL A 349 -22.37 8.72 0.73
N ASN A 350 -23.39 9.21 0.04
CA ASN A 350 -23.20 10.37 -0.84
C ASN A 350 -22.01 10.14 -1.79
N GLU A 351 -20.98 10.97 -1.67
CA GLU A 351 -19.79 10.83 -2.51
C GLU A 351 -18.73 9.86 -1.97
N ILE A 352 -17.71 9.59 -2.78
CA ILE A 352 -16.51 8.83 -2.33
C ILE A 352 -15.17 9.26 -2.99
N HIS A 353 -14.16 9.51 -2.15
CA HIS A 353 -12.94 10.14 -2.65
C HIS A 353 -11.78 9.23 -2.47
N ILE A 354 -10.63 9.65 -2.99
CA ILE A 354 -9.45 8.81 -2.89
C ILE A 354 -8.12 9.56 -2.75
N THR A 355 -7.27 9.01 -1.88
CA THR A 355 -5.91 9.50 -1.64
C THR A 355 -4.93 8.92 -2.68
N GLY A 356 -3.62 9.03 -2.44
CA GLY A 356 -2.63 9.13 -3.50
C GLY A 356 -2.60 8.22 -4.71
N ASN A 357 -2.52 8.87 -5.87
CA ASN A 357 -2.42 8.24 -7.19
C ASN A 357 -1.00 8.12 -7.78
N ASN A 358 0.03 8.53 -7.05
CA ASN A 358 1.38 8.45 -7.60
C ASN A 358 1.74 6.98 -7.77
N LYS A 359 2.16 6.63 -8.98
CA LYS A 359 2.47 5.24 -9.40
C LYS A 359 1.22 4.35 -9.55
N THR A 360 0.04 4.88 -9.25
CA THR A 360 -1.21 4.13 -9.50
C THR A 360 -2.30 4.94 -10.19
N ARG A 361 -3.42 4.29 -10.50
CA ARG A 361 -4.54 4.96 -11.17
C ARG A 361 -5.77 4.99 -10.27
N ASP A 362 -6.14 6.18 -9.81
CA ASP A 362 -7.33 6.36 -8.98
C ASP A 362 -8.61 5.94 -9.73
N GLU A 363 -8.49 5.84 -11.06
CA GLU A 363 -9.54 5.32 -11.92
C GLU A 363 -9.94 3.91 -11.48
N VAL A 364 -8.99 2.99 -11.57
CA VAL A 364 -9.23 1.57 -11.37
C VAL A 364 -9.65 1.11 -9.94
N VAL A 365 -9.03 1.68 -8.92
CA VAL A 365 -9.38 1.37 -7.53
C VAL A 365 -10.87 1.61 -7.26
N ARG A 366 -11.37 2.73 -7.76
CA ARG A 366 -12.74 3.15 -7.54
C ARG A 366 -13.75 2.10 -7.99
N ARG A 367 -13.33 1.20 -8.85
CA ARG A 367 -14.23 0.15 -9.29
C ARG A 367 -14.40 -1.06 -8.37
N GLU A 368 -13.36 -1.86 -8.23
CA GLU A 368 -13.52 -3.01 -7.39
C GLU A 368 -13.56 -2.57 -5.95
N LEU A 369 -14.72 -2.76 -5.37
CA LEU A 369 -14.98 -2.49 -3.95
C LEU A 369 -16.51 -2.47 -3.86
N ARG A 370 -17.01 -2.69 -2.65
CA ARG A 370 -18.43 -2.78 -2.31
C ARG A 370 -18.91 -1.37 -1.91
N GLN A 371 -20.06 -1.23 -1.25
CA GLN A 371 -20.58 0.10 -0.96
C GLN A 371 -20.89 0.90 -2.21
N MET A 372 -20.03 1.87 -2.47
CA MET A 372 -20.21 2.99 -3.40
C MET A 372 -21.26 4.04 -3.02
N GLU A 373 -22.06 4.46 -3.99
CA GLU A 373 -22.61 5.80 -3.87
C GLU A 373 -24.03 5.82 -3.36
N SER A 374 -24.34 6.86 -2.59
CA SER A 374 -25.69 7.11 -2.10
C SER A 374 -26.33 5.81 -1.63
N ALA A 375 -25.71 5.21 -0.63
CA ALA A 375 -26.09 3.88 -0.18
C ALA A 375 -25.99 3.87 1.33
N PRO A 376 -26.88 3.13 2.00
CA PRO A 376 -26.73 3.06 3.45
C PRO A 376 -25.34 2.59 3.81
N TYR A 377 -24.67 3.33 4.69
CA TYR A 377 -23.33 2.99 5.13
C TYR A 377 -23.42 1.60 5.72
N ASP A 378 -22.49 0.73 5.36
CA ASP A 378 -22.28 -0.45 6.21
C ASP A 378 -20.82 -0.86 6.35
N THR A 379 -20.42 -1.00 7.61
CA THR A 379 -19.07 -1.32 8.00
C THR A 379 -18.58 -2.55 7.29
N SER A 380 -19.24 -3.68 7.52
CA SER A 380 -18.80 -4.94 6.95
C SER A 380 -18.63 -4.84 5.42
N LYS A 381 -19.44 -4.01 4.78
CA LYS A 381 -19.34 -3.81 3.34
C LYS A 381 -18.25 -2.80 2.97
N LEU A 382 -17.68 -2.16 3.98
CA LEU A 382 -16.50 -1.32 3.79
C LEU A 382 -15.24 -2.14 3.91
N GLN A 383 -15.03 -2.73 5.08
CA GLN A 383 -13.81 -3.48 5.35
C GLN A 383 -13.69 -4.69 4.44
N ARG A 384 -14.75 -5.00 3.70
CA ARG A 384 -14.63 -5.96 2.60
C ARG A 384 -14.02 -5.31 1.36
N SER A 385 -14.16 -3.99 1.26
CA SER A 385 -13.52 -3.26 0.18
C SER A 385 -12.05 -2.98 0.50
N LYS A 386 -11.74 -2.87 1.79
CA LYS A 386 -10.36 -2.67 2.22
C LYS A 386 -9.60 -3.99 2.20
N GLU A 387 -10.34 -5.10 2.15
CA GLU A 387 -9.70 -6.40 1.93
C GLU A 387 -9.32 -6.54 0.45
N ARG A 388 -10.24 -6.21 -0.45
CA ARG A 388 -9.99 -6.24 -1.89
C ARG A 388 -8.83 -5.35 -2.34
N VAL A 389 -8.98 -4.06 -2.16
CA VAL A 389 -7.94 -3.12 -2.55
C VAL A 389 -6.56 -3.56 -2.07
N GLU A 390 -6.51 -4.09 -0.86
CA GLU A 390 -5.26 -4.52 -0.25
C GLU A 390 -4.79 -5.88 -0.76
N LEU A 391 -5.70 -6.68 -1.30
CA LEU A 391 -5.32 -8.00 -1.82
C LEU A 391 -4.75 -7.89 -3.23
N LEU A 392 -4.74 -6.66 -3.75
CA LEU A 392 -4.09 -6.35 -5.03
C LEU A 392 -2.64 -5.94 -4.85
N GLY A 393 -2.24 -5.71 -3.59
CA GLY A 393 -0.85 -5.46 -3.26
C GLY A 393 -0.39 -4.10 -3.72
N TYR A 394 -1.28 -3.41 -4.44
CA TYR A 394 -1.03 -2.07 -4.95
C TYR A 394 -0.64 -1.13 -3.82
N PHE A 395 -1.44 -1.17 -2.75
CA PHE A 395 -1.19 -0.32 -1.62
C PHE A 395 -0.89 -1.15 -0.40
N ASP A 396 0.07 -0.66 0.38
CA ASP A 396 0.57 -1.36 1.56
C ASP A 396 -0.28 -1.12 2.81
N ASN A 397 -1.14 -0.09 2.77
CA ASN A 397 -2.23 0.02 3.74
C ASN A 397 -3.41 0.82 3.23
N VAL A 398 -4.45 0.86 4.04
CA VAL A 398 -5.69 1.55 3.70
C VAL A 398 -6.34 1.97 5.02
N GLN A 399 -7.03 3.09 5.02
CA GLN A 399 -7.86 3.42 6.16
C GLN A 399 -9.15 4.04 5.65
N PHE A 400 -10.20 3.95 6.45
CA PHE A 400 -11.45 4.59 6.06
C PHE A 400 -11.91 5.69 6.99
N ASP A 401 -11.91 6.90 6.46
CA ASP A 401 -12.33 8.07 7.20
C ASP A 401 -13.68 8.55 6.70
N ALA A 402 -14.57 8.81 7.65
CA ALA A 402 -15.91 9.29 7.36
C ALA A 402 -16.03 10.73 7.83
N VAL A 403 -16.28 11.61 6.88
CA VAL A 403 -16.44 13.04 7.14
C VAL A 403 -17.93 13.38 7.16
N PRO A 404 -18.48 13.69 8.35
CA PRO A 404 -19.95 13.80 8.46
C PRO A 404 -20.57 14.98 7.69
N LEU A 405 -20.23 15.01 6.41
CA LEU A 405 -20.74 15.91 5.36
C LEU A 405 -20.74 17.41 5.69
N ALA A 406 -21.83 18.03 5.23
CA ALA A 406 -21.97 19.47 5.10
C ALA A 406 -22.73 20.22 6.18
N GLY A 407 -23.14 19.59 7.28
CA GLY A 407 -24.32 20.13 7.91
C GLY A 407 -25.65 19.65 7.33
N THR A 408 -25.80 18.33 7.34
CA THR A 408 -27.09 17.63 7.23
C THR A 408 -26.79 16.18 7.52
N PRO A 409 -27.65 15.56 8.34
CA PRO A 409 -27.33 14.24 8.90
C PRO A 409 -27.82 13.15 7.98
N ASP A 410 -27.56 11.91 8.36
CA ASP A 410 -27.91 10.74 7.55
C ASP A 410 -27.23 10.83 6.19
N LYS A 411 -26.17 11.62 6.10
CA LYS A 411 -25.36 11.66 4.90
C LYS A 411 -23.92 11.98 5.30
N VAL A 412 -22.97 11.31 4.66
CA VAL A 412 -21.57 11.41 5.02
C VAL A 412 -20.76 11.31 3.74
N ASP A 413 -19.58 11.92 3.71
CA ASP A 413 -18.71 11.74 2.57
C ASP A 413 -17.74 10.64 2.99
N LEU A 414 -16.90 10.16 2.09
CA LEU A 414 -15.89 9.18 2.46
C LEU A 414 -14.59 9.38 1.67
N ASN A 415 -13.45 9.33 2.34
CA ASN A 415 -12.18 9.36 1.63
C ASN A 415 -11.25 8.30 2.18
N MET A 416 -10.82 7.39 1.33
CA MET A 416 -9.97 6.33 1.81
C MET A 416 -8.50 6.65 1.54
N SER A 417 -7.73 6.73 2.61
CA SER A 417 -6.30 7.00 2.49
C SER A 417 -5.53 5.75 2.06
N LEU A 418 -4.71 5.90 1.02
CA LEU A 418 -3.87 4.82 0.51
C LEU A 418 -2.39 5.21 0.53
N THR A 419 -1.54 4.25 0.87
CA THR A 419 -0.10 4.45 0.89
C THR A 419 0.52 3.27 0.14
N GLU A 420 1.47 3.51 -0.74
CA GLU A 420 1.85 2.39 -1.60
C GLU A 420 3.33 2.20 -1.90
N ARG A 421 3.74 0.94 -1.82
CA ARG A 421 5.02 0.47 -2.35
C ARG A 421 6.22 1.11 -1.64
N SER A 422 5.95 2.12 -0.79
CA SER A 422 6.96 2.73 0.08
C SER A 422 8.28 3.02 -0.64
N THR A 423 8.32 4.03 -1.50
CA THR A 423 9.25 4.03 -2.65
C THR A 423 10.69 3.65 -2.30
N GLY A 424 11.20 2.69 -3.08
CA GLY A 424 12.43 1.98 -2.76
C GLY A 424 12.08 0.77 -1.90
N SER A 425 12.83 -0.32 -2.04
CA SER A 425 12.38 -1.58 -1.44
C SER A 425 13.31 -2.76 -1.62
N LEU A 426 13.11 -3.77 -0.78
CA LEU A 426 13.69 -5.07 -0.99
C LEU A 426 12.52 -5.98 -1.35
N ASP A 427 12.75 -6.95 -2.22
CA ASP A 427 11.69 -7.86 -2.60
C ASP A 427 12.23 -9.27 -2.51
N LEU A 428 11.47 -10.17 -1.91
CA LEU A 428 11.90 -11.55 -1.84
C LEU A 428 10.71 -12.40 -2.24
N SER A 429 10.87 -13.20 -3.27
CA SER A 429 9.74 -13.96 -3.78
C SER A 429 10.06 -15.41 -3.98
N ALA A 430 9.29 -16.29 -3.36
CA ALA A 430 9.44 -17.71 -3.60
C ALA A 430 8.23 -18.27 -4.38
N GLY A 431 8.48 -19.29 -5.19
CA GLY A 431 7.47 -19.84 -6.07
C GLY A 431 7.66 -21.33 -6.27
N TRP A 432 6.66 -21.98 -6.85
CA TRP A 432 6.78 -23.41 -7.13
C TRP A 432 6.22 -23.70 -8.50
N VAL A 433 7.03 -24.20 -9.40
CA VAL A 433 6.53 -24.58 -10.70
C VAL A 433 6.52 -26.07 -10.66
N GLN A 434 5.49 -26.65 -11.27
CA GLN A 434 5.09 -28.00 -10.91
C GLN A 434 6.15 -29.08 -11.06
N ASP A 435 6.53 -29.28 -12.31
CA ASP A 435 7.41 -30.34 -12.72
C ASP A 435 8.85 -30.00 -12.31
N THR A 436 9.23 -28.76 -12.55
CA THR A 436 10.56 -28.22 -12.28
C THR A 436 11.08 -28.33 -10.86
N GLY A 437 10.48 -27.55 -9.94
CA GLY A 437 10.97 -27.50 -8.58
C GLY A 437 10.61 -26.18 -7.94
N LEU A 438 11.37 -25.81 -6.92
CA LEU A 438 11.30 -24.49 -6.33
C LEU A 438 11.82 -23.40 -7.29
N VAL A 439 11.16 -22.24 -7.32
CA VAL A 439 11.72 -21.05 -7.95
C VAL A 439 11.89 -20.07 -6.82
N MET A 440 12.46 -18.91 -7.11
CA MET A 440 12.47 -17.79 -6.17
C MET A 440 13.18 -16.63 -6.79
N SER A 441 12.92 -15.45 -6.26
CA SER A 441 13.44 -14.23 -6.84
C SER A 441 13.95 -13.30 -5.76
N ALA A 442 14.55 -12.21 -6.19
CA ALA A 442 14.90 -11.11 -5.31
C ALA A 442 15.09 -9.91 -6.21
N GLY A 443 15.01 -8.74 -5.61
CA GLY A 443 15.06 -7.52 -6.37
C GLY A 443 15.22 -6.45 -5.35
N VAL A 444 15.66 -5.29 -5.80
CA VAL A 444 15.57 -4.12 -4.98
C VAL A 444 15.32 -3.02 -5.99
N SER A 445 14.43 -2.11 -5.63
CA SER A 445 14.16 -1.00 -6.52
C SER A 445 14.25 0.31 -5.73
N GLN A 446 14.36 1.42 -6.47
CA GLN A 446 14.16 2.74 -5.89
C GLN A 446 13.42 3.57 -6.90
N ASP A 447 12.31 4.17 -6.47
CA ASP A 447 11.52 4.98 -7.38
C ASP A 447 11.94 6.39 -7.09
N ASN A 448 12.13 7.18 -8.14
CA ASN A 448 12.59 8.55 -7.94
C ASN A 448 13.85 8.63 -7.08
N LEU A 449 14.97 8.16 -7.62
CA LEU A 449 16.25 8.47 -7.03
C LEU A 449 16.98 9.35 -8.01
N PHE A 450 17.63 10.38 -7.51
CA PHE A 450 17.37 10.83 -6.17
C PHE A 450 16.78 12.19 -6.45
N GLY A 451 15.47 12.34 -6.31
CA GLY A 451 14.82 13.55 -6.82
C GLY A 451 14.84 13.68 -8.34
N THR A 452 15.31 12.66 -9.04
CA THR A 452 15.34 12.70 -10.50
C THR A 452 14.01 12.29 -11.11
N GLY A 453 13.17 11.64 -10.32
CA GLY A 453 11.91 11.12 -10.82
C GLY A 453 12.13 10.04 -11.87
N LYS A 454 13.32 9.43 -11.82
CA LYS A 454 13.65 8.32 -12.69
C LYS A 454 13.81 7.10 -11.81
N SER A 455 13.43 5.93 -12.33
CA SER A 455 13.43 4.69 -11.54
C SER A 455 14.51 3.68 -11.94
N ALA A 456 15.01 2.90 -10.98
CA ALA A 456 16.03 1.89 -11.24
C ALA A 456 15.85 0.63 -10.39
N ALA A 457 15.99 -0.54 -11.00
CA ALA A 457 15.79 -1.79 -10.25
C ALA A 457 16.58 -2.99 -10.73
N LEU A 458 17.01 -3.80 -9.78
CA LEU A 458 17.87 -4.92 -10.09
C LEU A 458 17.28 -6.23 -9.57
N ARG A 459 16.90 -7.12 -10.48
CA ARG A 459 16.18 -8.35 -10.12
C ARG A 459 16.90 -9.62 -10.61
N ALA A 460 16.75 -10.72 -9.85
CA ALA A 460 17.24 -12.04 -10.27
C ALA A 460 16.44 -13.31 -9.77
N SER A 461 16.26 -14.29 -10.63
CA SER A 461 15.57 -15.51 -10.25
C SER A 461 16.36 -16.77 -10.53
N ARG A 462 16.13 -17.80 -9.72
N ARG A 462 16.12 -17.81 -9.73
CA ARG A 462 16.79 -19.08 -9.88
CA ARG A 462 16.82 -19.08 -9.88
C ARG A 462 15.78 -20.21 -9.69
C ARG A 462 15.85 -20.23 -9.67
N SER A 463 15.79 -21.15 -10.63
CA SER A 463 15.00 -22.38 -10.54
C SER A 463 15.97 -23.45 -10.94
N LYS A 464 15.63 -24.72 -10.75
CA LYS A 464 16.52 -25.81 -11.16
C LYS A 464 16.96 -25.64 -12.63
N THR A 465 16.11 -25.00 -13.42
CA THR A 465 16.27 -24.87 -14.85
C THR A 465 16.81 -23.51 -15.30
N THR A 466 16.07 -22.46 -15.00
CA THR A 466 16.44 -21.12 -15.43
C THR A 466 17.28 -20.32 -14.41
N LEU A 467 18.30 -19.62 -14.87
CA LEU A 467 18.91 -18.53 -14.11
C LEU A 467 18.65 -17.22 -14.86
N ASN A 468 18.14 -16.24 -14.14
CA ASN A 468 17.62 -15.03 -14.77
C ASN A 468 17.96 -13.80 -13.95
N GLY A 469 18.50 -12.77 -14.59
CA GLY A 469 18.79 -11.53 -13.88
C GLY A 469 18.80 -10.33 -14.81
N SER A 470 18.51 -9.16 -14.24
CA SER A 470 18.46 -7.95 -15.06
C SER A 470 18.63 -6.67 -14.26
N LEU A 471 19.00 -5.63 -14.99
CA LEU A 471 19.17 -4.33 -14.40
C LEU A 471 18.47 -3.36 -15.32
N SER A 472 17.58 -2.56 -14.75
CA SER A 472 16.68 -1.77 -15.56
C SER A 472 16.46 -0.39 -14.98
N PHE A 473 16.43 0.58 -15.89
CA PHE A 473 16.32 1.98 -15.55
C PHE A 473 15.21 2.59 -16.41
N THR A 474 14.24 3.17 -15.74
CA THR A 474 13.02 3.62 -16.37
C THR A 474 12.64 5.04 -15.96
N ASP A 475 12.27 5.84 -16.95
CA ASP A 475 11.65 7.14 -16.71
C ASP A 475 10.17 6.90 -16.86
N PRO A 476 9.42 6.89 -15.75
CA PRO A 476 8.00 6.52 -15.80
C PRO A 476 7.18 7.58 -16.53
N TYR A 477 7.60 8.80 -16.31
CA TYR A 477 6.99 10.03 -16.80
C TYR A 477 7.53 10.67 -18.07
N PHE A 478 8.37 9.95 -18.80
CA PHE A 478 9.21 10.53 -19.84
C PHE A 478 8.42 11.48 -20.73
N THR A 479 7.11 11.24 -20.85
CA THR A 479 6.14 12.25 -21.29
C THR A 479 5.06 12.60 -20.24
N ALA A 480 4.52 13.80 -20.36
CA ALA A 480 3.55 14.37 -19.42
C ALA A 480 2.37 13.46 -19.03
N ASP A 481 1.70 12.89 -20.03
CA ASP A 481 0.79 11.76 -19.85
C ASP A 481 1.71 10.59 -19.85
N GLY A 482 1.69 9.77 -18.80
CA GLY A 482 2.82 8.89 -18.59
C GLY A 482 3.14 7.96 -19.75
N VAL A 483 4.36 8.13 -20.26
CA VAL A 483 4.82 7.41 -21.39
C VAL A 483 6.13 6.95 -20.91
N SER A 484 6.37 5.65 -20.98
CA SER A 484 7.49 5.06 -20.28
C SER A 484 8.68 5.04 -21.22
N LEU A 485 9.85 5.23 -20.65
CA LEU A 485 11.11 5.04 -21.35
C LEU A 485 11.89 4.12 -20.47
N GLY A 486 12.54 3.15 -21.06
CA GLY A 486 13.29 2.23 -20.24
C GLY A 486 14.49 1.66 -20.95
N TYR A 487 15.42 1.19 -20.13
CA TYR A 487 16.58 0.48 -20.59
C TYR A 487 16.85 -0.60 -19.59
N ASP A 488 17.33 -1.73 -20.07
CA ASP A 488 17.62 -2.86 -19.21
C ASP A 488 18.74 -3.66 -19.83
N ILE A 489 19.52 -4.33 -18.99
CA ILE A 489 20.58 -5.21 -19.43
C ILE A 489 20.43 -6.49 -18.65
N TYR A 490 20.48 -7.62 -19.33
CA TYR A 490 20.18 -8.88 -18.68
C TYR A 490 21.02 -10.09 -19.08
N GLY A 491 20.76 -11.19 -18.41
CA GLY A 491 21.15 -12.44 -18.97
C GLY A 491 20.21 -13.53 -18.51
N LYS A 492 20.08 -14.55 -19.34
CA LYS A 492 19.20 -15.67 -19.04
C LYS A 492 19.93 -16.95 -19.44
N ALA A 493 20.06 -17.87 -18.48
CA ALA A 493 20.63 -19.18 -18.71
C ALA A 493 19.54 -20.22 -18.54
N PHE A 494 19.14 -20.84 -19.65
CA PHE A 494 18.09 -21.83 -19.56
C PHE A 494 18.64 -23.21 -19.87
N ASP A 495 18.65 -24.07 -18.87
CA ASP A 495 19.25 -25.40 -18.98
C ASP A 495 18.18 -26.46 -18.74
N PRO A 496 17.37 -26.76 -19.78
CA PRO A 496 16.21 -27.63 -19.87
C PRO A 496 16.55 -29.06 -19.54
N ARG A 497 17.85 -29.31 -19.44
CA ARG A 497 18.42 -30.47 -18.78
C ARG A 497 18.16 -30.18 -17.34
N LYS A 498 18.55 -31.06 -16.46
CA LYS A 498 18.17 -30.93 -15.07
C LYS A 498 16.67 -31.02 -15.05
N ALA A 499 16.08 -30.81 -13.89
CA ALA A 499 14.64 -30.87 -13.80
C ALA A 499 14.21 -32.29 -14.06
N SER A 500 13.00 -32.61 -13.68
CA SER A 500 12.54 -33.97 -13.86
C SER A 500 12.19 -34.21 -15.30
N THR A 501 11.04 -33.71 -15.75
CA THR A 501 10.61 -34.12 -17.06
C THR A 501 11.60 -33.63 -18.08
N SER A 502 11.33 -33.88 -19.35
CA SER A 502 12.19 -33.31 -20.35
C SER A 502 11.51 -32.67 -21.56
N VAL A 503 11.76 -31.36 -21.65
CA VAL A 503 11.99 -30.66 -22.91
C VAL A 503 13.47 -30.98 -23.15
N LYS A 504 14.14 -30.30 -24.05
CA LYS A 504 15.19 -30.92 -24.82
C LYS A 504 16.45 -31.34 -24.07
N GLN A 505 17.38 -31.91 -24.83
CA GLN A 505 18.74 -32.00 -24.35
C GLN A 505 19.50 -30.91 -25.11
N TYR A 506 19.76 -29.83 -24.39
CA TYR A 506 20.39 -28.60 -24.87
C TYR A 506 20.40 -27.58 -23.74
N LYS A 507 21.15 -26.51 -23.91
CA LYS A 507 20.95 -25.33 -23.08
C LYS A 507 21.27 -24.14 -23.92
N THR A 508 20.54 -23.06 -23.67
CA THR A 508 20.80 -21.83 -24.36
C THR A 508 21.09 -20.77 -23.29
N THR A 509 21.80 -19.73 -23.67
CA THR A 509 22.16 -18.67 -22.76
C THR A 509 22.16 -17.33 -23.49
N THR A 510 21.53 -16.32 -22.89
CA THR A 510 21.48 -14.99 -23.50
C THR A 510 22.08 -13.91 -22.59
N ALA A 511 22.84 -13.00 -23.17
CA ALA A 511 23.21 -11.78 -22.48
C ALA A 511 22.84 -10.69 -23.47
N GLY A 512 22.17 -9.65 -22.98
CA GLY A 512 21.65 -8.65 -23.88
C GLY A 512 21.10 -7.42 -23.17
N GLY A 513 20.54 -6.50 -23.95
CA GLY A 513 20.10 -5.27 -23.40
C GLY A 513 19.20 -4.59 -24.39
N GLY A 514 18.41 -3.65 -23.91
CA GLY A 514 17.41 -3.03 -24.77
C GLY A 514 16.81 -1.75 -24.26
N VAL A 515 16.14 -1.10 -25.20
CA VAL A 515 15.38 0.10 -25.02
C VAL A 515 13.96 -0.36 -25.05
N ARG A 516 13.11 0.27 -24.24
CA ARG A 516 11.70 -0.01 -24.32
C ARG A 516 10.93 1.27 -24.05
N MET A 517 9.85 1.44 -24.79
CA MET A 517 8.96 2.56 -24.56
C MET A 517 7.50 2.08 -24.45
N GLY A 518 6.87 2.29 -23.30
CA GLY A 518 5.43 2.09 -23.19
C GLY A 518 4.63 3.31 -23.63
N ILE A 519 3.45 3.10 -24.20
CA ILE A 519 2.56 4.16 -24.66
C ILE A 519 1.11 3.95 -24.24
N PRO A 520 0.71 4.54 -23.13
CA PRO A 520 -0.67 4.47 -22.64
C PRO A 520 -1.62 5.29 -23.50
N VAL A 521 -2.12 4.67 -24.57
CA VAL A 521 -2.88 5.33 -25.61
C VAL A 521 -4.26 5.80 -25.13
N THR A 522 -5.14 4.87 -24.78
CA THR A 522 -6.32 5.16 -23.96
C THR A 522 -6.11 4.66 -22.53
N GLU A 523 -7.15 4.76 -21.70
CA GLU A 523 -7.06 4.26 -20.34
C GLU A 523 -7.30 2.76 -20.28
N TYR A 524 -7.57 2.19 -21.45
CA TYR A 524 -7.64 0.75 -21.64
C TYR A 524 -6.41 0.26 -22.40
N ASP A 525 -6.25 0.78 -23.61
CA ASP A 525 -5.21 0.40 -24.55
C ASP A 525 -3.78 0.86 -24.20
N ARG A 526 -2.85 -0.09 -24.11
CA ARG A 526 -1.43 0.18 -23.90
C ARG A 526 -0.68 -0.41 -25.09
N VAL A 527 0.13 0.38 -25.79
CA VAL A 527 1.02 -0.12 -26.84
C VAL A 527 2.41 -0.08 -26.27
N ASN A 528 3.29 -1.00 -26.67
CA ASN A 528 4.71 -0.77 -26.39
C ASN A 528 5.70 -1.36 -27.37
N PHE A 529 6.86 -0.71 -27.44
CA PHE A 529 7.90 -1.10 -28.34
C PHE A 529 9.10 -1.52 -27.54
N GLY A 530 10.12 -2.02 -28.25
CA GLY A 530 11.42 -2.29 -27.71
C GLY A 530 12.34 -2.66 -28.84
N LEU A 531 13.63 -2.42 -28.67
CA LEU A 531 14.68 -2.87 -29.58
C LEU A 531 15.73 -3.46 -28.68
N ALA A 532 16.42 -4.51 -29.11
CA ALA A 532 17.42 -5.12 -28.24
C ALA A 532 18.49 -5.84 -29.02
N ALA A 533 19.62 -6.04 -28.37
CA ALA A 533 20.61 -6.94 -28.89
C ALA A 533 20.83 -8.04 -27.87
N GLU A 534 20.81 -9.27 -28.36
CA GLU A 534 21.01 -10.39 -27.47
C GLU A 534 22.18 -11.10 -28.06
N HIS A 535 23.00 -11.66 -27.18
CA HIS A 535 24.01 -12.58 -27.63
C HIS A 535 23.59 -13.97 -27.23
N LEU A 536 23.21 -14.73 -28.24
CA LEU A 536 22.64 -16.05 -28.07
C LEU A 536 23.72 -17.10 -28.09
N THR A 537 23.68 -17.98 -27.10
CA THR A 537 24.55 -19.12 -27.16
C THR A 537 23.74 -20.39 -26.95
N VAL A 538 23.61 -21.20 -28.01
CA VAL A 538 22.93 -22.48 -27.96
C VAL A 538 23.93 -23.63 -27.79
N ASN A 539 23.56 -24.66 -27.03
CA ASN A 539 24.43 -25.83 -26.89
C ASN A 539 23.68 -27.10 -27.17
N THR A 540 24.01 -27.80 -28.25
CA THR A 540 23.34 -29.06 -28.53
C THR A 540 23.92 -30.31 -27.93
N TYR A 541 25.16 -30.30 -27.44
CA TYR A 541 25.56 -31.45 -26.63
C TYR A 541 25.38 -32.74 -27.40
N ASN A 542 24.32 -33.38 -26.98
CA ASN A 542 23.86 -34.70 -27.32
C ASN A 542 24.74 -35.90 -26.88
N LYS A 543 24.77 -37.08 -27.52
CA LYS A 543 23.89 -37.58 -28.59
C LYS A 543 22.43 -37.28 -28.26
N ALA A 544 21.73 -36.68 -29.23
CA ALA A 544 20.43 -36.03 -29.02
C ALA A 544 19.74 -35.71 -30.36
N PRO A 545 18.47 -35.20 -30.35
CA PRO A 545 17.60 -35.41 -31.50
C PRO A 545 18.07 -34.81 -32.80
N LYS A 546 17.47 -35.33 -33.88
CA LYS A 546 17.83 -34.92 -35.21
C LYS A 546 17.81 -33.41 -35.29
N ARG A 547 16.63 -32.83 -35.13
CA ARG A 547 16.38 -31.41 -35.40
C ARG A 547 17.34 -30.42 -34.71
N TYR A 548 17.95 -30.84 -33.62
CA TYR A 548 18.92 -29.99 -32.92
C TYR A 548 20.19 -29.85 -33.77
N ALA A 549 20.71 -31.00 -34.19
CA ALA A 549 21.62 -31.05 -35.33
C ALA A 549 20.75 -30.69 -36.53
N ASP A 550 21.36 -30.33 -37.65
CA ASP A 550 20.68 -29.71 -38.81
C ASP A 550 20.41 -28.25 -38.49
N PHE A 551 20.45 -27.90 -37.20
CA PHE A 551 20.50 -26.50 -36.81
C PHE A 551 21.96 -26.15 -36.67
N ILE A 552 22.62 -26.84 -35.74
CA ILE A 552 24.05 -26.67 -35.58
C ILE A 552 24.71 -26.93 -36.92
N ARG A 553 24.26 -27.99 -37.61
CA ARG A 553 24.81 -28.34 -38.92
C ARG A 553 24.83 -27.17 -39.90
N LYS A 554 23.70 -26.50 -40.05
CA LYS A 554 23.67 -25.33 -40.92
C LYS A 554 24.26 -24.06 -40.29
N TYR A 555 23.87 -23.75 -39.05
CA TYR A 555 24.20 -22.46 -38.46
C TYR A 555 25.37 -22.35 -37.49
N GLY A 556 26.00 -23.46 -37.14
CA GLY A 556 26.88 -23.39 -35.99
C GLY A 556 28.07 -24.31 -36.13
N LYS A 557 29.01 -24.19 -35.20
CA LYS A 557 30.23 -24.98 -35.27
C LYS A 557 30.05 -26.33 -34.55
N THR A 558 31.05 -27.19 -34.63
CA THR A 558 30.99 -28.48 -33.95
C THR A 558 32.32 -28.80 -33.27
N ASP A 559 32.30 -28.94 -31.96
CA ASP A 559 33.48 -29.38 -31.19
C ASP A 559 33.50 -30.90 -30.94
N GLY A 560 32.57 -31.62 -31.58
CA GLY A 560 32.14 -32.91 -31.08
C GLY A 560 31.59 -33.97 -32.03
N ALA A 561 31.00 -35.05 -31.48
CA ALA A 561 30.42 -35.07 -30.13
C ALA A 561 29.35 -33.97 -29.86
N ASP A 562 29.68 -33.00 -29.02
CA ASP A 562 28.78 -31.88 -28.73
C ASP A 562 28.62 -30.91 -29.92
N GLY A 563 27.80 -29.87 -29.72
CA GLY A 563 27.66 -28.82 -30.73
C GLY A 563 27.21 -27.49 -30.13
N SER A 564 27.52 -26.38 -30.80
CA SER A 564 27.24 -25.06 -30.25
C SER A 564 26.98 -24.00 -31.33
N PHE A 565 26.06 -23.08 -31.06
CA PHE A 565 25.83 -21.94 -31.93
C PHE A 565 26.17 -20.74 -31.12
N LYS A 566 26.63 -19.70 -31.80
CA LYS A 566 26.88 -18.43 -31.16
C LYS A 566 26.53 -17.39 -32.18
N GLY A 567 26.13 -16.22 -31.72
CA GLY A 567 25.81 -15.14 -32.63
C GLY A 567 24.90 -14.14 -31.97
N LEU A 568 24.67 -13.02 -32.63
CA LEU A 568 23.80 -12.09 -32.00
C LEU A 568 22.55 -11.73 -32.77
N LEU A 569 21.50 -11.47 -32.02
CA LEU A 569 20.24 -11.12 -32.61
C LEU A 569 19.87 -9.71 -32.24
N TYR A 570 19.29 -9.04 -33.21
CA TYR A 570 18.77 -7.73 -33.07
C TYR A 570 17.30 -7.91 -33.18
N LYS A 571 16.59 -7.61 -32.09
CA LYS A 571 15.17 -7.89 -31.98
C LYS A 571 14.24 -6.71 -31.74
N GLY A 572 13.25 -6.58 -32.61
CA GLY A 572 12.19 -5.62 -32.44
C GLY A 572 11.06 -6.29 -31.70
N THR A 573 10.26 -5.50 -31.02
CA THR A 573 9.21 -6.00 -30.14
C THR A 573 7.99 -5.13 -30.26
N VAL A 574 6.84 -5.72 -30.50
CA VAL A 574 5.62 -4.94 -30.35
C VAL A 574 4.57 -5.63 -29.48
N GLY A 575 3.78 -4.83 -28.79
CA GLY A 575 2.80 -5.35 -27.88
C GLY A 575 1.62 -4.44 -27.90
N TRP A 576 0.55 -4.87 -27.26
CA TRP A 576 -0.68 -4.13 -27.27
C TRP A 576 -1.60 -4.89 -26.36
N GLY A 577 -2.64 -4.23 -25.88
CA GLY A 577 -3.62 -4.91 -25.09
C GLY A 577 -4.68 -3.94 -24.68
N ARG A 578 -5.85 -4.49 -24.42
CA ARG A 578 -7.03 -3.70 -24.18
C ARG A 578 -7.49 -4.41 -22.96
N ASN A 579 -7.84 -3.66 -21.95
CA ASN A 579 -8.53 -4.32 -20.89
C ASN A 579 -9.77 -3.52 -20.60
N LYS A 580 -10.93 -4.09 -20.95
CA LYS A 580 -12.19 -3.57 -20.49
C LYS A 580 -12.69 -4.71 -19.65
N THR A 581 -12.61 -4.59 -18.32
CA THR A 581 -12.93 -5.69 -17.43
C THR A 581 -13.39 -5.10 -16.10
N ASP A 582 -14.40 -5.69 -15.46
CA ASP A 582 -14.98 -5.02 -14.29
C ASP A 582 -14.09 -5.01 -13.03
N SER A 583 -13.13 -5.92 -12.96
CA SER A 583 -12.27 -5.95 -11.78
C SER A 583 -10.92 -6.55 -12.14
N ALA A 584 -10.01 -6.58 -11.17
CA ALA A 584 -8.71 -7.21 -11.40
C ALA A 584 -8.81 -8.57 -10.77
N SER A 585 -8.95 -8.62 -9.45
CA SER A 585 -9.35 -9.85 -8.83
C SER A 585 -10.77 -10.10 -9.34
N TRP A 586 -11.09 -11.36 -9.63
CA TRP A 586 -12.45 -11.82 -9.94
C TRP A 586 -13.29 -11.01 -10.94
N PRO A 587 -12.93 -11.04 -12.23
CA PRO A 587 -13.65 -10.36 -13.30
C PRO A 587 -14.97 -11.02 -13.75
N THR A 588 -15.92 -10.17 -14.14
CA THR A 588 -17.21 -10.58 -14.69
C THR A 588 -17.57 -9.61 -15.81
N ARG A 589 -17.94 -10.15 -16.95
CA ARG A 589 -17.98 -9.44 -18.24
C ARG A 589 -16.71 -8.65 -18.56
N GLY A 590 -16.87 -7.52 -19.22
CA GLY A 590 -15.73 -6.92 -19.87
C GLY A 590 -15.10 -7.91 -20.87
N TYR A 591 -13.95 -7.53 -21.42
CA TYR A 591 -13.07 -8.47 -22.12
C TYR A 591 -11.62 -8.00 -22.12
N LEU A 592 -10.71 -8.96 -22.10
CA LEU A 592 -9.28 -8.77 -22.32
C LEU A 592 -8.95 -8.80 -23.80
N THR A 593 -7.67 -8.63 -24.12
CA THR A 593 -7.17 -8.76 -25.48
C THR A 593 -5.68 -8.54 -25.45
N GLY A 594 -4.96 -9.06 -26.45
CA GLY A 594 -3.55 -8.77 -26.59
C GLY A 594 -3.06 -9.12 -27.97
N VAL A 595 -2.02 -8.43 -28.41
CA VAL A 595 -1.40 -8.76 -29.69
C VAL A 595 0.08 -8.58 -29.50
N ASN A 596 0.87 -9.58 -29.88
CA ASN A 596 2.31 -9.53 -29.61
C ASN A 596 3.20 -10.07 -30.71
N ALA A 597 4.14 -9.24 -31.13
CA ALA A 597 5.04 -9.55 -32.22
C ALA A 597 6.50 -9.35 -31.82
N GLU A 598 7.34 -10.35 -32.13
CA GLU A 598 8.78 -10.25 -31.96
C GLU A 598 9.36 -10.49 -33.31
N ILE A 599 10.35 -9.71 -33.70
CA ILE A 599 11.07 -10.00 -34.92
C ILE A 599 12.57 -9.88 -34.67
N ALA A 600 13.31 -10.91 -35.04
CA ALA A 600 14.75 -10.78 -35.15
C ALA A 600 14.96 -10.16 -36.52
N LEU A 601 15.58 -8.98 -36.52
CA LEU A 601 15.74 -8.10 -37.67
C LEU A 601 16.95 -8.42 -38.56
N PRO A 602 17.00 -7.84 -39.77
CA PRO A 602 18.17 -8.00 -40.64
C PRO A 602 19.48 -7.62 -39.95
N GLY A 603 20.45 -8.52 -40.07
CA GLY A 603 21.73 -8.36 -39.43
C GLY A 603 21.94 -9.30 -38.27
N SER A 604 20.86 -9.90 -37.83
CA SER A 604 21.00 -10.94 -36.84
C SER A 604 21.53 -12.13 -37.64
N LYS A 605 22.13 -13.09 -36.96
CA LYS A 605 22.18 -14.44 -37.48
C LYS A 605 20.75 -14.91 -37.24
N LEU A 606 20.42 -16.17 -37.51
CA LEU A 606 19.01 -16.53 -37.26
C LEU A 606 18.07 -15.63 -38.09
N GLN A 607 17.38 -14.64 -37.54
CA GLN A 607 16.28 -13.97 -38.29
C GLN A 607 15.00 -14.77 -38.57
N TYR A 608 14.19 -14.92 -37.51
CA TYR A 608 12.79 -15.30 -37.56
C TYR A 608 11.83 -14.20 -37.07
N TYR A 609 10.52 -14.48 -37.14
CA TYR A 609 9.51 -13.70 -36.39
C TYR A 609 8.51 -14.54 -35.56
N SER A 610 7.64 -13.86 -34.81
CA SER A 610 6.65 -14.49 -33.94
C SER A 610 5.47 -13.54 -33.85
N ALA A 611 4.25 -14.04 -33.82
CA ALA A 611 3.11 -13.18 -33.55
C ALA A 611 2.12 -13.90 -32.62
N THR A 612 1.02 -13.24 -32.25
CA THR A 612 0.08 -13.81 -31.29
C THR A 612 -1.12 -12.92 -31.10
N HIS A 613 -2.21 -13.50 -30.62
CA HIS A 613 -3.43 -12.77 -30.37
C HIS A 613 -4.17 -13.45 -29.23
N ASN A 614 -4.80 -12.65 -28.36
CA ASN A 614 -5.52 -13.15 -27.18
C ASN A 614 -6.87 -12.55 -27.19
N GLN A 615 -7.85 -13.31 -26.70
CA GLN A 615 -9.13 -12.74 -26.33
C GLN A 615 -9.62 -13.51 -25.14
N THR A 616 -10.14 -12.80 -24.15
CA THR A 616 -10.89 -13.46 -23.10
C THR A 616 -12.13 -12.62 -23.00
N TRP A 617 -13.29 -13.22 -23.23
CA TRP A 617 -14.55 -12.54 -22.98
C TRP A 617 -15.10 -13.12 -21.71
N PHE A 618 -15.64 -12.28 -20.83
CA PHE A 618 -16.39 -12.83 -19.70
C PHE A 618 -17.87 -12.55 -19.83
N PHE A 619 -18.69 -13.41 -19.26
CA PHE A 619 -20.10 -13.14 -19.26
C PHE A 619 -20.68 -13.40 -17.88
N PRO A 620 -21.57 -12.50 -17.45
CA PRO A 620 -22.34 -12.49 -16.23
C PRO A 620 -23.73 -13.10 -16.43
N LEU A 621 -23.86 -14.41 -16.49
CA LEU A 621 -25.21 -15.00 -16.57
C LEU A 621 -26.04 -14.80 -15.29
N SER A 622 -25.49 -15.22 -14.16
CA SER A 622 -26.03 -15.00 -12.82
C SER A 622 -25.21 -13.97 -12.08
N LYS A 623 -25.53 -13.77 -10.81
CA LYS A 623 -24.67 -13.02 -9.89
C LYS A 623 -23.52 -13.92 -9.42
N THR A 624 -23.86 -15.19 -9.21
CA THR A 624 -22.87 -16.20 -8.79
C THR A 624 -22.02 -16.66 -9.97
N PHE A 625 -22.65 -16.83 -11.12
CA PHE A 625 -22.09 -17.55 -12.25
C PHE A 625 -21.64 -16.69 -13.40
N THR A 626 -20.35 -16.80 -13.68
CA THR A 626 -19.67 -16.00 -14.67
C THR A 626 -19.05 -16.92 -15.72
N LEU A 627 -19.40 -16.73 -16.99
CA LEU A 627 -18.86 -17.59 -18.05
C LEU A 627 -17.67 -16.92 -18.71
N MET A 628 -16.49 -17.48 -18.50
CA MET A 628 -15.34 -16.97 -19.20
C MET A 628 -15.16 -17.70 -20.50
N LEU A 629 -14.83 -16.95 -21.53
CA LEU A 629 -14.65 -17.53 -22.85
C LEU A 629 -13.47 -16.89 -23.58
N GLY A 630 -12.51 -17.70 -24.04
CA GLY A 630 -11.41 -17.13 -24.81
C GLY A 630 -10.49 -18.10 -25.53
N GLY A 631 -9.51 -17.56 -26.26
CA GLY A 631 -8.41 -18.34 -26.83
C GLY A 631 -7.27 -17.59 -27.51
N GLU A 632 -6.14 -18.30 -27.71
CA GLU A 632 -4.93 -17.72 -28.31
C GLU A 632 -4.50 -18.31 -29.66
N VAL A 633 -4.05 -17.44 -30.54
CA VAL A 633 -3.62 -17.87 -31.87
C VAL A 633 -2.22 -17.37 -32.14
N GLY A 634 -1.34 -18.22 -32.66
CA GLY A 634 0.00 -17.77 -32.91
C GLY A 634 0.73 -18.40 -34.08
N ILE A 635 1.66 -17.62 -34.61
CA ILE A 635 2.27 -17.86 -35.89
C ILE A 635 3.72 -17.52 -35.69
N ALA A 636 4.62 -18.41 -36.09
CA ALA A 636 6.06 -18.13 -36.05
C ALA A 636 6.71 -18.64 -37.31
N GLY A 637 7.31 -17.75 -38.09
CA GLY A 637 8.04 -18.18 -39.27
C GLY A 637 9.53 -18.05 -39.14
N GLY A 638 10.19 -17.95 -40.29
CA GLY A 638 11.60 -17.62 -40.37
C GLY A 638 11.64 -16.91 -41.69
N TYR A 639 12.67 -16.11 -41.92
CA TYR A 639 12.72 -15.35 -43.17
C TYR A 639 14.13 -15.13 -43.72
N GLY A 640 14.19 -14.86 -45.02
CA GLY A 640 15.42 -14.49 -45.68
C GLY A 640 16.49 -15.56 -45.61
N ARG A 641 17.65 -15.18 -45.08
CA ARG A 641 18.82 -16.05 -45.01
C ARG A 641 18.58 -17.31 -44.17
N THR A 642 17.52 -17.30 -43.38
CA THR A 642 17.14 -18.46 -42.59
C THR A 642 15.66 -18.74 -42.69
N LYS A 643 15.29 -19.90 -43.24
CA LYS A 643 13.91 -20.35 -43.17
C LYS A 643 13.83 -21.04 -41.83
N GLU A 644 12.66 -21.54 -41.43
CA GLU A 644 12.65 -22.40 -40.25
C GLU A 644 13.16 -21.78 -38.94
N ILE A 645 12.33 -21.00 -38.27
CA ILE A 645 12.68 -20.51 -36.94
C ILE A 645 13.21 -21.65 -36.05
N PRO A 646 14.22 -21.34 -35.24
CA PRO A 646 15.13 -22.32 -34.66
C PRO A 646 14.61 -23.59 -34.05
N PHE A 647 13.54 -23.58 -33.28
CA PHE A 647 13.17 -24.59 -32.26
C PHE A 647 13.59 -24.35 -30.84
N PHE A 648 14.52 -23.46 -30.56
CA PHE A 648 14.64 -23.14 -29.15
C PHE A 648 13.75 -21.91 -28.94
N GLU A 649 13.39 -21.30 -30.07
CA GLU A 649 12.35 -20.30 -30.11
C GLU A 649 11.32 -21.03 -30.91
N ASN A 650 10.27 -21.50 -30.25
CA ASN A 650 9.28 -22.34 -30.91
C ASN A 650 8.11 -22.18 -29.99
N PHE A 651 6.90 -22.42 -30.47
CA PHE A 651 5.74 -22.43 -29.59
C PHE A 651 5.75 -23.74 -28.83
N TYR A 652 5.46 -23.72 -27.55
CA TYR A 652 5.30 -24.96 -26.82
C TYR A 652 3.83 -25.25 -26.42
N GLY A 653 3.55 -26.33 -25.71
CA GLY A 653 2.15 -26.65 -25.54
C GLY A 653 1.79 -27.39 -24.28
N GLY A 654 0.52 -27.76 -24.16
CA GLY A 654 0.03 -28.48 -22.99
C GLY A 654 0.11 -27.67 -21.71
N GLY A 655 -0.21 -28.32 -20.59
CA GLY A 655 -0.11 -27.67 -19.29
C GLY A 655 -1.15 -26.58 -19.07
N LEU A 656 -1.13 -25.97 -17.89
CA LEU A 656 -2.15 -24.98 -17.53
C LEU A 656 -2.21 -23.78 -18.48
N GLY A 657 -1.07 -23.43 -19.08
CA GLY A 657 -1.07 -22.35 -20.03
C GLY A 657 -1.99 -22.55 -21.23
N SER A 658 -2.15 -23.81 -21.66
CA SER A 658 -2.90 -24.14 -22.89
C SER A 658 -4.00 -25.21 -22.77
N VAL A 659 -3.63 -26.47 -22.58
CA VAL A 659 -4.64 -27.49 -22.33
C VAL A 659 -4.33 -28.20 -21.02
N ARG A 660 -5.18 -28.02 -20.02
CA ARG A 660 -4.89 -28.67 -18.76
C ARG A 660 -4.98 -30.15 -19.04
N GLY A 661 -4.39 -30.95 -18.17
CA GLY A 661 -4.45 -32.39 -18.33
C GLY A 661 -3.31 -33.02 -19.13
N TYR A 662 -2.66 -32.26 -19.99
CA TYR A 662 -1.49 -32.75 -20.69
C TYR A 662 -0.28 -32.25 -19.94
N GLU A 663 0.93 -32.69 -20.31
CA GLU A 663 2.08 -32.24 -19.54
C GLU A 663 2.50 -30.94 -20.19
N SER A 664 3.44 -30.23 -19.61
CA SER A 664 3.80 -28.96 -20.21
C SER A 664 4.81 -29.16 -21.31
N GLY A 665 4.45 -28.68 -22.51
CA GLY A 665 5.31 -28.69 -23.67
C GLY A 665 4.95 -29.85 -24.56
N THR A 666 4.36 -30.87 -23.94
CA THR A 666 4.09 -32.17 -24.54
C THR A 666 3.35 -32.05 -25.84
N LEU A 667 2.36 -31.18 -25.85
CA LEU A 667 1.61 -30.91 -27.06
C LEU A 667 2.59 -30.56 -28.18
N GLY A 668 2.27 -31.01 -29.39
CA GLY A 668 3.14 -30.84 -30.55
C GLY A 668 3.89 -32.10 -30.98
N PRO A 669 4.68 -32.00 -32.07
CA PRO A 669 5.52 -33.11 -32.57
C PRO A 669 6.52 -33.58 -31.55
N LYS A 670 6.61 -34.88 -31.37
CA LYS A 670 7.55 -35.44 -30.42
C LYS A 670 8.28 -36.63 -31.09
N VAL A 671 9.52 -36.85 -30.68
CA VAL A 671 10.38 -37.87 -31.27
C VAL A 671 11.21 -38.47 -30.14
N TYR A 672 11.56 -39.75 -30.27
CA TYR A 672 12.43 -40.35 -29.28
C TYR A 672 13.87 -39.94 -29.52
N ASP A 673 14.64 -39.87 -28.42
CA ASP A 673 16.11 -39.83 -28.49
C ASP A 673 16.69 -41.11 -27.87
N GLU A 674 18.02 -41.18 -27.78
CA GLU A 674 18.68 -42.33 -27.16
C GLU A 674 18.37 -42.28 -25.68
N TYR A 675 18.90 -43.25 -24.94
CA TYR A 675 18.61 -43.37 -23.52
C TYR A 675 17.09 -43.45 -23.27
N GLY A 676 16.36 -44.00 -24.26
CA GLY A 676 14.93 -44.23 -24.16
C GLY A 676 14.10 -43.01 -23.83
N GLU A 677 14.55 -41.84 -24.27
CA GLU A 677 13.89 -40.60 -23.90
C GLU A 677 12.99 -40.05 -24.99
N LYS A 678 11.81 -39.58 -24.59
CA LYS A 678 10.89 -38.89 -25.48
C LYS A 678 10.91 -37.38 -25.24
N ILE A 679 11.31 -36.63 -26.26
CA ILE A 679 11.40 -35.19 -26.09
C ILE A 679 10.39 -34.54 -27.03
N SER A 680 10.24 -33.21 -26.92
CA SER A 680 9.26 -32.54 -27.76
C SER A 680 9.77 -31.25 -28.37
N TYR A 681 9.46 -31.11 -29.64
CA TYR A 681 9.96 -30.07 -30.46
C TYR A 681 9.17 -28.82 -30.21
N GLY A 682 7.87 -29.02 -30.04
CA GLY A 682 6.92 -27.92 -30.12
C GLY A 682 6.81 -27.57 -31.59
N GLY A 683 6.36 -26.37 -31.91
CA GLY A 683 6.16 -26.01 -33.30
C GLY A 683 5.86 -24.56 -33.62
N ASN A 684 5.65 -24.29 -34.90
CA ASN A 684 5.56 -22.91 -35.40
C ASN A 684 4.16 -22.30 -35.54
N LYS A 685 3.12 -23.02 -35.10
CA LYS A 685 1.76 -22.50 -35.12
C LYS A 685 1.07 -22.91 -33.82
N LYS A 686 0.20 -22.02 -33.35
CA LYS A 686 -0.40 -22.20 -32.04
C LYS A 686 -1.89 -21.98 -32.17
N ALA A 687 -2.67 -22.88 -31.60
CA ALA A 687 -4.05 -22.53 -31.44
C ALA A 687 -4.57 -23.07 -30.14
N ASN A 688 -5.35 -22.25 -29.47
CA ASN A 688 -5.85 -22.55 -28.16
C ASN A 688 -7.19 -21.89 -27.97
N VAL A 689 -8.09 -22.56 -27.28
CA VAL A 689 -9.37 -21.95 -26.99
C VAL A 689 -9.93 -22.60 -25.75
N SER A 690 -10.76 -21.88 -25.03
CA SER A 690 -11.31 -22.46 -23.82
C SER A 690 -12.73 -21.98 -23.51
N ALA A 691 -13.29 -22.59 -22.48
CA ALA A 691 -14.55 -22.17 -21.93
C ALA A 691 -14.48 -22.37 -20.42
N GLU A 692 -14.84 -21.35 -19.65
CA GLU A 692 -14.85 -21.52 -18.20
C GLU A 692 -16.19 -21.17 -17.58
N LEU A 693 -16.49 -21.82 -16.47
CA LEU A 693 -17.64 -21.45 -15.70
C LEU A 693 -17.05 -21.20 -14.35
N LEU A 694 -17.12 -19.96 -13.92
CA LEU A 694 -16.53 -19.61 -12.65
C LEU A 694 -17.61 -19.16 -11.69
N PHE A 695 -17.32 -19.32 -10.41
CA PHE A 695 -18.32 -19.20 -9.37
C PHE A 695 -17.58 -19.32 -8.05
N PRO A 696 -18.10 -18.67 -7.01
CA PRO A 696 -17.40 -18.58 -5.72
C PRO A 696 -17.46 -19.88 -4.98
N MET A 697 -17.05 -19.87 -3.73
CA MET A 697 -17.11 -21.06 -2.89
C MET A 697 -18.57 -21.48 -2.78
N PRO A 698 -18.90 -22.59 -2.08
CA PRO A 698 -20.33 -22.91 -2.05
C PRO A 698 -21.04 -22.00 -1.07
N GLY A 699 -20.74 -20.73 -1.26
CA GLY A 699 -21.28 -19.60 -0.58
C GLY A 699 -20.57 -19.28 0.73
N ALA A 700 -20.39 -17.99 1.05
CA ALA A 700 -20.38 -16.90 0.06
C ALA A 700 -21.63 -16.66 -0.81
N LYS A 701 -21.47 -16.90 -2.12
CA LYS A 701 -22.43 -16.60 -3.23
C LYS A 701 -22.23 -15.22 -3.81
N ASP A 702 -21.41 -14.42 -3.16
CA ASP A 702 -20.88 -13.23 -3.77
C ASP A 702 -19.38 -13.27 -3.51
N ALA A 703 -19.06 -13.13 -2.22
CA ALA A 703 -17.71 -12.91 -1.73
C ALA A 703 -16.71 -13.95 -2.23
N ARG A 704 -15.59 -13.46 -2.73
CA ARG A 704 -14.55 -14.36 -3.13
C ARG A 704 -13.18 -13.89 -2.69
N THR A 705 -12.53 -14.68 -1.84
CA THR A 705 -11.07 -14.72 -1.72
C THR A 705 -10.50 -15.94 -2.50
N VAL A 706 -11.41 -16.73 -3.08
CA VAL A 706 -11.15 -18.02 -3.72
C VAL A 706 -12.13 -18.18 -4.88
N ARG A 707 -11.75 -18.81 -5.97
CA ARG A 707 -12.71 -18.97 -7.05
C ARG A 707 -12.64 -20.36 -7.66
N LEU A 708 -13.79 -20.88 -8.10
CA LEU A 708 -13.87 -22.23 -8.60
C LEU A 708 -14.29 -22.29 -10.07
N SER A 709 -13.84 -23.33 -10.75
CA SER A 709 -14.03 -23.42 -12.20
C SER A 709 -14.54 -24.77 -12.65
N LEU A 710 -15.06 -24.79 -13.86
CA LEU A 710 -15.18 -26.01 -14.63
C LEU A 710 -14.79 -25.59 -16.04
N PHE A 711 -13.79 -26.24 -16.64
CA PHE A 711 -13.24 -25.80 -17.92
C PHE A 711 -13.36 -26.87 -18.99
N ALA A 712 -13.38 -26.43 -20.25
CA ALA A 712 -13.11 -27.31 -21.36
C ALA A 712 -12.21 -26.60 -22.34
N ASP A 713 -10.99 -27.10 -22.51
CA ASP A 713 -10.00 -26.50 -23.43
C ASP A 713 -9.52 -27.42 -24.56
N ALA A 714 -9.47 -26.83 -25.75
CA ALA A 714 -8.86 -27.48 -26.88
C ALA A 714 -7.73 -26.62 -27.42
N GLY A 715 -6.51 -27.07 -27.19
CA GLY A 715 -5.34 -26.47 -27.81
C GLY A 715 -4.78 -27.34 -28.90
N SER A 716 -3.89 -26.74 -29.69
CA SER A 716 -3.15 -27.46 -30.69
C SER A 716 -1.81 -26.74 -30.95
N VAL A 717 -0.74 -27.51 -31.16
CA VAL A 717 0.51 -26.92 -31.62
C VAL A 717 1.14 -27.74 -32.74
N TRP A 718 1.21 -27.13 -33.91
CA TRP A 718 1.69 -27.85 -35.06
C TRP A 718 2.81 -27.22 -35.86
N ASP A 719 3.20 -27.98 -36.87
CA ASP A 719 4.47 -27.91 -37.57
C ASP A 719 4.24 -27.85 -39.07
N GLY A 720 3.59 -28.92 -39.56
CA GLY A 720 3.33 -29.08 -40.97
C GLY A 720 4.50 -29.82 -41.57
N ARG A 721 5.21 -30.57 -40.72
CA ARG A 721 6.38 -31.32 -41.12
C ARG A 721 6.02 -32.79 -40.96
N THR A 722 6.90 -33.71 -41.33
CA THR A 722 6.53 -35.13 -41.40
C THR A 722 7.58 -36.01 -40.77
N TYR A 723 7.15 -37.05 -40.06
CA TYR A 723 8.04 -37.73 -39.13
C TYR A 723 8.10 -39.25 -39.27
N THR A 724 9.29 -39.81 -39.50
CA THR A 724 9.37 -41.26 -39.61
C THR A 724 10.32 -41.99 -38.64
N ALA A 725 11.62 -42.07 -38.91
CA ALA A 725 12.67 -42.24 -37.89
C ALA A 725 13.94 -41.50 -38.38
N ALA A 726 14.59 -40.62 -37.61
CA ALA A 726 14.49 -40.34 -36.15
C ALA A 726 14.88 -41.43 -35.12
N GLU A 727 16.19 -41.69 -35.05
CA GLU A 727 16.82 -42.70 -34.16
C GLU A 727 16.49 -44.16 -34.46
N ASN A 728 15.95 -44.88 -33.49
CA ASN A 728 15.76 -46.33 -33.69
C ASN A 728 14.45 -46.84 -34.30
N GLY A 729 13.32 -46.83 -33.56
CA GLY A 729 12.98 -45.86 -32.52
C GLY A 729 11.85 -44.83 -32.74
N ASN A 730 11.05 -44.98 -33.81
CA ASN A 730 9.87 -44.11 -34.05
C ASN A 730 8.73 -44.18 -33.01
N ASN A 731 8.33 -43.03 -32.47
CA ASN A 731 7.31 -43.00 -31.39
C ASN A 731 5.82 -43.05 -31.73
N LYS A 732 5.40 -42.49 -32.86
CA LYS A 732 4.03 -42.77 -33.26
C LYS A 732 4.04 -44.21 -33.75
N SER A 733 2.88 -44.77 -34.09
CA SER A 733 2.98 -45.98 -34.89
C SER A 733 2.25 -45.70 -36.20
N VAL A 734 3.06 -45.46 -37.22
CA VAL A 734 2.77 -45.36 -38.66
C VAL A 734 4.13 -44.80 -39.04
N TYR A 735 4.45 -44.54 -40.30
CA TYR A 735 5.21 -43.29 -40.42
C TYR A 735 4.49 -42.20 -41.24
N SER A 736 3.83 -41.28 -40.54
CA SER A 736 3.69 -39.88 -40.94
C SER A 736 3.74 -38.92 -39.73
N GLU A 737 2.64 -39.03 -38.98
CA GLU A 737 2.22 -38.24 -37.82
C GLU A 737 1.95 -36.78 -38.19
N ASN A 738 2.51 -36.36 -39.33
CA ASN A 738 2.41 -34.99 -39.87
C ASN A 738 2.55 -33.87 -38.81
N ALA A 739 1.87 -32.75 -39.00
CA ALA A 739 1.39 -31.89 -37.93
C ALA A 739 0.23 -31.06 -38.50
N HIS A 740 -0.82 -30.87 -37.71
CA HIS A 740 -2.05 -30.26 -38.23
C HIS A 740 -2.93 -29.63 -37.11
N LYS A 741 -4.20 -29.35 -37.40
CA LYS A 741 -5.21 -28.74 -36.48
C LYS A 741 -5.55 -27.21 -36.47
N SER A 742 -4.90 -26.47 -37.36
CA SER A 742 -5.39 -25.18 -37.89
C SER A 742 -6.64 -24.59 -37.21
N PHE A 744 -5.51 -28.58 -43.40
CA PHE A 744 -5.58 -29.93 -42.85
C PHE A 744 -5.43 -29.84 -41.36
N THR A 745 -6.30 -30.55 -40.63
CA THR A 745 -6.37 -30.34 -39.19
C THR A 745 -6.30 -31.59 -38.30
N ASN A 746 -5.19 -31.80 -37.58
CA ASN A 746 -5.01 -33.03 -36.82
C ASN A 746 -4.47 -32.93 -35.41
N GLU A 747 -3.22 -32.48 -35.25
CA GLU A 747 -2.55 -32.64 -33.97
C GLU A 747 -3.11 -31.61 -33.00
N LEU A 748 -3.74 -32.12 -31.96
CA LEU A 748 -4.44 -31.26 -31.02
C LEU A 748 -5.07 -32.18 -30.03
N ARG A 749 -5.38 -31.64 -28.87
CA ARG A 749 -5.91 -32.41 -27.78
C ARG A 749 -7.01 -31.60 -27.12
N TYR A 750 -7.82 -32.27 -26.32
CA TYR A 750 -8.95 -31.67 -25.64
C TYR A 750 -8.90 -32.09 -24.18
N SER A 751 -9.68 -31.40 -23.36
CA SER A 751 -9.85 -31.83 -21.98
C SER A 751 -10.88 -30.97 -21.32
N ALA A 752 -11.28 -31.42 -20.15
CA ALA A 752 -12.27 -30.73 -19.38
C ALA A 752 -12.02 -31.17 -17.96
N GLY A 753 -12.56 -30.43 -17.00
CA GLY A 753 -12.25 -30.69 -15.63
C GLY A 753 -12.46 -29.40 -14.88
N GLY A 754 -11.97 -29.29 -13.66
CA GLY A 754 -12.27 -28.10 -12.89
C GLY A 754 -11.14 -27.67 -11.98
N ALA A 755 -11.20 -26.42 -11.56
CA ALA A 755 -10.04 -25.70 -11.05
C ALA A 755 -10.33 -24.88 -9.81
N VAL A 756 -9.39 -24.88 -8.89
CA VAL A 756 -9.42 -23.91 -7.82
C VAL A 756 -8.35 -22.86 -8.10
N THR A 757 -8.75 -21.63 -8.37
CA THR A 757 -7.77 -20.56 -8.34
C THR A 757 -7.88 -19.83 -7.02
N TRP A 758 -6.94 -20.01 -6.12
CA TRP A 758 -7.02 -19.43 -4.80
C TRP A 758 -6.02 -18.29 -4.70
N LEU A 759 -6.38 -17.20 -4.01
CA LEU A 759 -5.41 -16.16 -3.70
C LEU A 759 -4.99 -16.33 -2.26
N SER A 760 -3.82 -16.88 -2.04
CA SER A 760 -3.41 -17.25 -0.69
C SER A 760 -2.86 -16.02 -0.04
N PRO A 761 -2.63 -16.06 1.29
CA PRO A 761 -1.66 -14.99 1.51
C PRO A 761 -0.21 -15.50 1.31
N LEU A 762 0.00 -16.31 0.27
CA LEU A 762 1.25 -16.37 -0.47
C LEU A 762 0.82 -16.53 -1.93
N GLY A 763 1.10 -15.56 -2.78
CA GLY A 763 0.91 -15.71 -4.22
C GLY A 763 -0.53 -15.98 -4.61
N PRO A 764 -0.82 -16.09 -5.92
CA PRO A 764 -2.04 -16.82 -6.29
C PRO A 764 -1.71 -18.30 -6.22
N MET A 765 -2.64 -19.20 -5.99
CA MET A 765 -2.30 -20.60 -6.21
C MET A 765 -3.32 -21.26 -7.10
N LYS A 766 -2.94 -21.61 -8.31
CA LYS A 766 -3.88 -22.33 -9.14
C LYS A 766 -3.74 -23.83 -8.88
N PHE A 767 -4.86 -24.54 -8.89
CA PHE A 767 -4.87 -25.99 -8.97
C PHE A 767 -5.77 -26.32 -10.13
N SER A 768 -5.87 -27.59 -10.50
CA SER A 768 -6.82 -28.02 -11.52
C SER A 768 -6.74 -29.52 -11.70
N TYR A 769 -7.84 -30.11 -12.18
CA TYR A 769 -7.90 -31.52 -12.52
C TYR A 769 -8.68 -31.71 -13.79
N ALA A 770 -8.03 -32.29 -14.79
CA ALA A 770 -8.57 -32.29 -16.13
C ALA A 770 -8.70 -33.72 -16.65
N TYR A 771 -9.77 -33.97 -17.38
CA TYR A 771 -9.85 -35.25 -18.04
C TYR A 771 -9.41 -34.97 -19.46
N PRO A 772 -8.29 -35.56 -19.86
CA PRO A 772 -7.91 -35.51 -21.27
C PRO A 772 -8.85 -36.37 -22.12
N LEU A 773 -9.31 -35.85 -23.25
CA LEU A 773 -10.22 -36.59 -24.12
C LEU A 773 -9.65 -36.63 -25.51
N LYS A 774 -9.66 -37.81 -26.15
CA LYS A 774 -8.73 -38.10 -27.26
C LYS A 774 -7.25 -38.11 -26.79
N LYS A 775 -6.95 -39.13 -25.99
CA LYS A 775 -5.60 -39.45 -25.51
C LYS A 775 -4.98 -40.61 -26.31
N LYS A 776 -3.84 -40.32 -26.94
CA LYS A 776 -3.16 -41.30 -27.75
C LYS A 776 -2.14 -42.03 -26.85
N PRO A 777 -1.42 -43.03 -27.39
CA PRO A 777 -0.36 -43.67 -26.59
C PRO A 777 0.85 -42.77 -26.45
N GLU A 778 1.05 -41.95 -27.47
CA GLU A 778 2.24 -41.17 -27.59
C GLU A 778 2.07 -39.93 -26.73
N ASP A 779 0.91 -39.83 -26.10
CA ASP A 779 0.50 -38.62 -25.39
C ASP A 779 0.93 -38.60 -23.94
N GLU A 780 1.78 -37.61 -23.62
CA GLU A 780 2.25 -37.44 -22.26
C GLU A 780 1.26 -36.59 -21.48
N ILE A 781 0.90 -37.10 -20.30
CA ILE A 781 -0.31 -36.67 -19.64
C ILE A 781 -0.18 -36.51 -18.12
N GLN A 782 -0.52 -35.31 -17.64
CA GLN A 782 -0.55 -34.96 -16.22
C GLN A 782 -1.98 -34.59 -15.88
N ARG A 783 -2.62 -35.38 -15.03
CA ARG A 783 -4.03 -35.20 -14.73
C ARG A 783 -4.16 -33.97 -13.84
N PHE A 784 -3.53 -34.06 -12.68
CA PHE A 784 -3.48 -32.97 -11.73
C PHE A 784 -2.29 -32.07 -11.97
N GLN A 785 -2.57 -30.82 -12.31
CA GLN A 785 -1.55 -29.81 -12.52
C GLN A 785 -1.75 -28.68 -11.53
N PHE A 786 -0.72 -27.89 -11.31
CA PHE A 786 -0.81 -26.76 -10.41
C PHE A 786 0.41 -25.89 -10.60
N GLN A 787 0.49 -24.85 -9.79
CA GLN A 787 1.63 -23.96 -9.76
C GLN A 787 1.34 -22.90 -8.73
N LEU A 788 2.31 -22.60 -7.89
CA LEU A 788 2.06 -21.79 -6.71
C LEU A 788 2.88 -20.51 -6.61
N GLY A 789 2.29 -19.38 -6.96
CA GLY A 789 2.93 -18.12 -6.67
C GLY A 789 3.74 -17.52 -7.78
N THR A 790 4.84 -16.87 -7.42
CA THR A 790 5.66 -16.11 -8.38
C THR A 790 6.06 -16.84 -9.63
N THR A 791 6.48 -16.08 -10.62
CA THR A 791 6.90 -16.67 -11.90
C THR A 791 6.00 -17.82 -12.40
N PHE A 792 4.81 -17.43 -12.87
CA PHE A 792 3.95 -18.30 -13.70
C PHE A 792 4.53 -18.53 -15.12
#